data_328D
# 
_entry.id   328D 
# 
_audit_conform.dict_name       mmcif_pdbx.dic 
_audit_conform.dict_version    5.389 
_audit_conform.dict_location   http://mmcif.pdb.org/dictionaries/ascii/mmcif_pdbx.dic 
# 
loop_
_database_2.database_id 
_database_2.database_code 
_database_2.pdbx_database_accession 
_database_2.pdbx_DOI 
PDB   328D         pdb_0000328d 10.2210/pdb328d/pdb 
RCSB  GDL053       ?            ?                   
WWPDB D_1000178797 ?            ?                   
# 
loop_
_pdbx_audit_revision_history.ordinal 
_pdbx_audit_revision_history.data_content_type 
_pdbx_audit_revision_history.major_revision 
_pdbx_audit_revision_history.minor_revision 
_pdbx_audit_revision_history.revision_date 
1 'Structure model' 1 0 1997-04-23 
2 'Structure model' 1 1 2008-05-22 
3 'Structure model' 1 2 2011-07-13 
4 'Structure model' 1 3 2024-02-21 
5 'Structure model' 1 4 2024-04-03 
# 
_pdbx_audit_revision_details.ordinal             1 
_pdbx_audit_revision_details.revision_ordinal    1 
_pdbx_audit_revision_details.data_content_type   'Structure model' 
_pdbx_audit_revision_details.provider            repository 
_pdbx_audit_revision_details.type                'Initial release' 
_pdbx_audit_revision_details.description         ? 
_pdbx_audit_revision_details.details             ? 
# 
loop_
_pdbx_audit_revision_group.ordinal 
_pdbx_audit_revision_group.revision_ordinal 
_pdbx_audit_revision_group.data_content_type 
_pdbx_audit_revision_group.group 
1 2 'Structure model' 'Version format compliance' 
2 3 'Structure model' 'Version format compliance' 
3 4 'Structure model' 'Data collection'           
4 4 'Structure model' 'Database references'       
5 4 'Structure model' 'Derived calculations'      
6 5 'Structure model' 'Refinement description'    
# 
loop_
_pdbx_audit_revision_category.ordinal 
_pdbx_audit_revision_category.revision_ordinal 
_pdbx_audit_revision_category.data_content_type 
_pdbx_audit_revision_category.category 
1 4 'Structure model' chem_comp_atom                
2 4 'Structure model' chem_comp_bond                
3 4 'Structure model' database_2                    
4 4 'Structure model' struct_site                   
5 5 'Structure model' pdbx_initial_refinement_model 
# 
loop_
_pdbx_audit_revision_item.ordinal 
_pdbx_audit_revision_item.revision_ordinal 
_pdbx_audit_revision_item.data_content_type 
_pdbx_audit_revision_item.item 
1 4 'Structure model' '_database_2.pdbx_DOI'                
2 4 'Structure model' '_database_2.pdbx_database_accession' 
3 4 'Structure model' '_struct_site.pdbx_auth_asym_id'      
4 4 'Structure model' '_struct_site.pdbx_auth_comp_id'      
5 4 'Structure model' '_struct_site.pdbx_auth_seq_id'       
# 
_pdbx_database_status.status_code                     REL 
_pdbx_database_status.entry_id                        328D 
_pdbx_database_status.recvd_initial_deposition_date   1997-04-15 
_pdbx_database_status.deposit_site                    NDB 
_pdbx_database_status.process_site                    NDB 
_pdbx_database_status.status_code_sf                  REL 
_pdbx_database_status.status_code_mr                  ? 
_pdbx_database_status.SG_entry                        ? 
_pdbx_database_status.pdb_format_compatible           Y 
_pdbx_database_status.status_code_cs                  ? 
_pdbx_database_status.status_code_nmr_data            ? 
_pdbx_database_status.methods_development_category    ? 
# 
loop_
_audit_author.name 
_audit_author.pdbx_ordinal 
'Squire, C.J.' 1 
'Clark, G.R.'  2 
'Denny, W.A.'  3 
# 
loop_
_citation.id 
_citation.title 
_citation.journal_abbrev 
_citation.journal_volume 
_citation.page_first 
_citation.page_last 
_citation.year 
_citation.journal_id_ASTM 
_citation.country 
_citation.journal_id_ISSN 
_citation.journal_id_CSD 
_citation.book_publisher 
_citation.pdbx_database_id_PubMed 
_citation.pdbx_database_id_DOI 
primary 'Minor groove binding of a bis-quaternary ammonium compound: the crystal structure of SN 7167 bound to d(CGCGAATTCGCG)2.' 
'Nucleic Acids Res.' 25 4072 4078 1997 NARHAD UK 0305-1048 0389 ? 9321660 10.1093/nar/25.20.4072 
1       'Minor Groove Binding of SN6999 to an Alkylated DNA: Molecular Structure of d(CGC[e6G]AATTCGCG)-SN6999 Complex'           
Biochemistry         32 9639 9648 1993 BICHAW US 0006-2960 0033 ? ?       ?                      
# 
loop_
_citation_author.citation_id 
_citation_author.name 
_citation_author.ordinal 
_citation_author.identifier_ORCID 
primary 'Squire, C.J.' 1 ? 
primary 'Clark, G.R.'  2 ? 
primary 'Denny, W.A.'  3 ? 
1       'Gao, Y-G.'    4 ? 
1       'Siriram, M.'  5 ? 
1       'Denny, W.A.'  6 ? 
1       'Wang, A.H-J.' 7 ? 
# 
loop_
_entity.id 
_entity.type 
_entity.src_method 
_entity.pdbx_description 
_entity.formula_weight 
_entity.pdbx_number_of_molecules 
_entity.pdbx_ec 
_entity.pdbx_mutation 
_entity.pdbx_fragment 
_entity.details 
1 polymer     syn 
;DNA (5'-D(*CP*GP*CP*GP*AP*AP*TP*TP*CP*GP*CP*G)-3')
;
3663.392 2  ? ? ? ? 
2 non-polymer syn '4-[4-[2-AMINO-4-[4,6-(N-METHYLQUINOLINIUM)AMINO]BENZAMIDO]ANILINO]-N-METHYLPYRIDINIUM MESYLATE' 491.587  1  ? ? 
? ? 
3 water       nat water                                                                                            18.015   76 ? ? 
? ? 
# 
_entity_poly.entity_id                      1 
_entity_poly.type                           polydeoxyribonucleotide 
_entity_poly.nstd_linkage                   no 
_entity_poly.nstd_monomer                   no 
_entity_poly.pdbx_seq_one_letter_code       '(DC)(DG)(DC)(DG)(DA)(DA)(DT)(DT)(DC)(DG)(DC)(DG)' 
_entity_poly.pdbx_seq_one_letter_code_can   CGCGAATTCGCG 
_entity_poly.pdbx_strand_id                 A,B 
_entity_poly.pdbx_target_identifier         ? 
# 
loop_
_pdbx_entity_nonpoly.entity_id 
_pdbx_entity_nonpoly.name 
_pdbx_entity_nonpoly.comp_id 
2 '4-[4-[2-AMINO-4-[4,6-(N-METHYLQUINOLINIUM)AMINO]BENZAMIDO]ANILINO]-N-METHYLPYRIDINIUM MESYLATE' SN7 
3 water                                                                                            HOH 
# 
loop_
_entity_poly_seq.entity_id 
_entity_poly_seq.num 
_entity_poly_seq.mon_id 
_entity_poly_seq.hetero 
1 1  DC n 
1 2  DG n 
1 3  DC n 
1 4  DG n 
1 5  DA n 
1 6  DA n 
1 7  DT n 
1 8  DT n 
1 9  DC n 
1 10 DG n 
1 11 DC n 
1 12 DG n 
# 
loop_
_chem_comp.id 
_chem_comp.type 
_chem_comp.mon_nstd_flag 
_chem_comp.name 
_chem_comp.pdbx_synonyms 
_chem_comp.formula 
_chem_comp.formula_weight 
DA  'DNA linking' y "2'-DEOXYADENOSINE-5'-MONOPHOSPHATE"                                                             ?      
'C10 H14 N5 O6 P' 331.222 
DC  'DNA linking' y "2'-DEOXYCYTIDINE-5'-MONOPHOSPHATE"                                                              ?      
'C9 H14 N3 O7 P'  307.197 
DG  'DNA linking' y "2'-DEOXYGUANOSINE-5'-MONOPHOSPHATE"                                                             ?      
'C10 H14 N5 O7 P' 347.221 
DT  'DNA linking' y "THYMIDINE-5'-MONOPHOSPHATE"                                                                     ?      
'C10 H15 N2 O8 P' 322.208 
HOH non-polymer   . WATER                                                                                            ?      'H2 O' 
18.015  
SN7 non-polymer   . '4-[4-[2-AMINO-4-[4,6-(N-METHYLQUINOLINIUM)AMINO]BENZAMIDO]ANILINO]-N-METHYLPYRIDINIUM MESYLATE' SN7167 
'C29 H29 N7 O 2'  491.587 
# 
loop_
_pdbx_poly_seq_scheme.asym_id 
_pdbx_poly_seq_scheme.entity_id 
_pdbx_poly_seq_scheme.seq_id 
_pdbx_poly_seq_scheme.mon_id 
_pdbx_poly_seq_scheme.ndb_seq_num 
_pdbx_poly_seq_scheme.pdb_seq_num 
_pdbx_poly_seq_scheme.auth_seq_num 
_pdbx_poly_seq_scheme.pdb_mon_id 
_pdbx_poly_seq_scheme.auth_mon_id 
_pdbx_poly_seq_scheme.pdb_strand_id 
_pdbx_poly_seq_scheme.pdb_ins_code 
_pdbx_poly_seq_scheme.hetero 
A 1 1  DC 1  1  1  DC C A . n 
A 1 2  DG 2  2  2  DG G A . n 
A 1 3  DC 3  3  3  DC C A . n 
A 1 4  DG 4  4  4  DG G A . n 
A 1 5  DA 5  5  5  DA A A . n 
A 1 6  DA 6  6  6  DA A A . n 
A 1 7  DT 7  7  7  DT T A . n 
A 1 8  DT 8  8  8  DT T A . n 
A 1 9  DC 9  9  9  DC C A . n 
A 1 10 DG 10 10 10 DG G A . n 
A 1 11 DC 11 11 11 DC C A . n 
A 1 12 DG 12 12 12 DG G A . n 
B 1 1  DC 1  13 13 DC C B . n 
B 1 2  DG 2  14 14 DG G B . n 
B 1 3  DC 3  15 15 DC C B . n 
B 1 4  DG 4  16 16 DG G B . n 
B 1 5  DA 5  17 17 DA A B . n 
B 1 6  DA 6  18 18 DA A B . n 
B 1 7  DT 7  19 19 DT T B . n 
B 1 8  DT 8  20 20 DT T B . n 
B 1 9  DC 9  21 21 DC C B . n 
B 1 10 DG 10 22 22 DG G B . n 
B 1 11 DC 11 23 23 DC C B . n 
B 1 12 DG 12 24 24 DG G B . n 
# 
loop_
_pdbx_nonpoly_scheme.asym_id 
_pdbx_nonpoly_scheme.entity_id 
_pdbx_nonpoly_scheme.mon_id 
_pdbx_nonpoly_scheme.ndb_seq_num 
_pdbx_nonpoly_scheme.pdb_seq_num 
_pdbx_nonpoly_scheme.auth_seq_num 
_pdbx_nonpoly_scheme.pdb_mon_id 
_pdbx_nonpoly_scheme.auth_mon_id 
_pdbx_nonpoly_scheme.pdb_strand_id 
_pdbx_nonpoly_scheme.pdb_ins_code 
C 2 SN7 1  25  25  SN7 SN7 A . 
D 3 HOH 1  26  26  HOH HOH A . 
D 3 HOH 2  27  27  HOH HOH A . 
D 3 HOH 3  28  28  HOH HOH A . 
D 3 HOH 4  31  31  HOH HOH A . 
D 3 HOH 5  32  32  HOH HOH A . 
D 3 HOH 6  33  33  HOH HOH A . 
D 3 HOH 7  34  34  HOH HOH A . 
D 3 HOH 8  39  39  HOH HOH A . 
D 3 HOH 9  40  40  HOH HOH A . 
D 3 HOH 10 41  41  HOH HOH A . 
D 3 HOH 11 42  42  HOH HOH A . 
D 3 HOH 12 43  43  HOH HOH A . 
D 3 HOH 13 44  44  HOH HOH A . 
D 3 HOH 14 49  49  HOH HOH A . 
D 3 HOH 15 50  50  HOH HOH A . 
D 3 HOH 16 56  56  HOH HOH A . 
D 3 HOH 17 57  57  HOH HOH A . 
D 3 HOH 18 58  58  HOH HOH A . 
D 3 HOH 19 63  63  HOH HOH A . 
D 3 HOH 20 64  64  HOH HOH A . 
D 3 HOH 21 68  68  HOH HOH A . 
D 3 HOH 22 69  69  HOH HOH A . 
D 3 HOH 23 70  70  HOH HOH A . 
D 3 HOH 24 72  72  HOH HOH A . 
D 3 HOH 25 73  73  HOH HOH A . 
D 3 HOH 26 74  74  HOH HOH A . 
D 3 HOH 27 75  75  HOH HOH A . 
D 3 HOH 28 76  76  HOH HOH A . 
D 3 HOH 29 77  77  HOH HOH A . 
D 3 HOH 30 78  78  HOH HOH A . 
D 3 HOH 31 79  79  HOH HOH A . 
D 3 HOH 32 81  81  HOH HOH A . 
D 3 HOH 33 82  82  HOH HOH A . 
D 3 HOH 34 83  83  HOH HOH A . 
D 3 HOH 35 86  86  HOH HOH A . 
D 3 HOH 36 88  88  HOH HOH A . 
D 3 HOH 37 89  89  HOH HOH A . 
D 3 HOH 38 91  91  HOH HOH A . 
D 3 HOH 39 93  93  HOH HOH A . 
D 3 HOH 40 97  97  HOH HOH A . 
D 3 HOH 41 99  99  HOH HOH A . 
D 3 HOH 42 100 100 HOH HOH A . 
E 3 HOH 1  29  29  HOH HOH B . 
E 3 HOH 2  30  30  HOH HOH B . 
E 3 HOH 3  35  35  HOH HOH B . 
E 3 HOH 4  36  36  HOH HOH B . 
E 3 HOH 5  37  37  HOH HOH B . 
E 3 HOH 6  38  38  HOH HOH B . 
E 3 HOH 7  45  45  HOH HOH B . 
E 3 HOH 8  46  46  HOH HOH B . 
E 3 HOH 9  47  47  HOH HOH B . 
E 3 HOH 10 48  48  HOH HOH B . 
E 3 HOH 11 51  51  HOH HOH B . 
E 3 HOH 12 52  52  HOH HOH B . 
E 3 HOH 13 53  53  HOH HOH B . 
E 3 HOH 14 54  54  HOH HOH B . 
E 3 HOH 15 55  55  HOH HOH B . 
E 3 HOH 16 59  59  HOH HOH B . 
E 3 HOH 17 60  60  HOH HOH B . 
E 3 HOH 18 61  61  HOH HOH B . 
E 3 HOH 19 62  62  HOH HOH B . 
E 3 HOH 20 65  65  HOH HOH B . 
E 3 HOH 21 66  66  HOH HOH B . 
E 3 HOH 22 67  67  HOH HOH B . 
E 3 HOH 23 71  71  HOH HOH B . 
E 3 HOH 24 80  80  HOH HOH B . 
E 3 HOH 25 84  84  HOH HOH B . 
E 3 HOH 26 85  85  HOH HOH B . 
E 3 HOH 27 87  87  HOH HOH B . 
E 3 HOH 28 90  90  HOH HOH B . 
E 3 HOH 29 92  92  HOH HOH B . 
E 3 HOH 30 94  94  HOH HOH B . 
E 3 HOH 31 95  95  HOH HOH B . 
E 3 HOH 32 96  96  HOH HOH B . 
E 3 HOH 33 98  98  HOH HOH B . 
E 3 HOH 34 101 101 HOH HOH B . 
# 
loop_
_software.name 
_software.classification 
_software.version 
_software.citation_id 
_software.pdbx_ordinal 
X-PLOR 'model building' . ? 1 
X-PLOR refinement       . ? 2 
DENZO  'data reduction' . ? 3 
X-PLOR phasing          . ? 4 
# 
_cell.entry_id           328D 
_cell.length_a           24.560 
_cell.length_b           40.150 
_cell.length_c           65.680 
_cell.angle_alpha        90.00 
_cell.angle_beta         90.00 
_cell.angle_gamma        90.00 
_cell.Z_PDB              8 
_cell.pdbx_unique_axis   ? 
# 
_symmetry.entry_id                         328D 
_symmetry.space_group_name_H-M             'P 21 21 21' 
_symmetry.pdbx_full_space_group_name_H-M   ? 
_symmetry.cell_setting                     ? 
_symmetry.Int_Tables_number                19 
# 
_exptl.entry_id          328D 
_exptl.method            'X-RAY DIFFRACTION' 
_exptl.crystals_number   1 
# 
_exptl_crystal.id                    1 
_exptl_crystal.density_meas          ? 
_exptl_crystal.density_Matthews      2.21 
_exptl_crystal.density_percent_sol   44.34 
_exptl_crystal.description           ? 
# 
_exptl_crystal_grow.crystal_id      1 
_exptl_crystal_grow.method          'VAPOR DIFFUSION' 
_exptl_crystal_grow.temp            ? 
_exptl_crystal_grow.temp_details    ? 
_exptl_crystal_grow.pH              7.00 
_exptl_crystal_grow.pdbx_details    'pH 7.00, VAPOR DIFFUSION' 
_exptl_crystal_grow.pdbx_pH_range   ? 
# 
_diffrn.id                     1 
_diffrn.ambient_temp           293.00 
_diffrn.ambient_temp_details   ? 
_diffrn.crystal_id             1 
# 
_diffrn_detector.diffrn_id              1 
_diffrn_detector.detector               'IMAGE PLATE' 
_diffrn_detector.type                   'RIGAKU RAXIS IIC' 
_diffrn_detector.pdbx_collection_date   1995-06-21 
_diffrn_detector.details                ? 
# 
_diffrn_radiation.diffrn_id                        1 
_diffrn_radiation.wavelength_id                    1 
_diffrn_radiation.pdbx_monochromatic_or_laue_m_l   M 
_diffrn_radiation.monochromator                    ? 
_diffrn_radiation.pdbx_diffrn_protocol             ? 
_diffrn_radiation.pdbx_scattering_type             x-ray 
# 
_diffrn_radiation_wavelength.id           1 
_diffrn_radiation_wavelength.wavelength   . 
_diffrn_radiation_wavelength.wt           1.0 
# 
_diffrn_source.diffrn_id                   1 
_diffrn_source.source                      ? 
_diffrn_source.type                        ? 
_diffrn_source.pdbx_synchrotron_site       ? 
_diffrn_source.pdbx_synchrotron_beamline   ? 
_diffrn_source.pdbx_wavelength             ? 
_diffrn_source.pdbx_wavelength_list        ? 
# 
_reflns.entry_id                     328D 
_reflns.observed_criterion_sigma_I   0.000 
_reflns.observed_criterion_sigma_F   ? 
_reflns.d_resolution_low             ? 
_reflns.d_resolution_high            ? 
_reflns.number_obs                   1955 
_reflns.number_all                   ? 
_reflns.percent_possible_obs         91.400 
_reflns.pdbx_Rmerge_I_obs            0.0950000 
_reflns.pdbx_Rsym_value              ? 
_reflns.pdbx_netI_over_sigmaI        ? 
_reflns.B_iso_Wilson_estimate        ? 
_reflns.pdbx_redundancy              2.500 
_reflns.pdbx_diffrn_id               1 
_reflns.pdbx_ordinal                 1 
# 
_refine.entry_id                                 328D 
_refine.ls_number_reflns_obs                     1888 
_refine.ls_number_reflns_all                     ? 
_refine.pdbx_ls_sigma_I                          ? 
_refine.pdbx_ls_sigma_F                          2.000 
_refine.pdbx_data_cutoff_high_absF               ? 
_refine.pdbx_data_cutoff_low_absF                ? 
_refine.pdbx_data_cutoff_high_rms_absF           ? 
_refine.ls_d_res_low                             8.000 
_refine.ls_d_res_high                            2.600 
_refine.ls_percent_reflns_obs                    ? 
_refine.ls_R_factor_obs                          0.1780000 
_refine.ls_R_factor_all                          ? 
_refine.ls_R_factor_R_work                       0.1780000 
_refine.ls_R_factor_R_free                       0.2380000 
_refine.ls_R_factor_R_free_error                 ? 
_refine.ls_R_factor_R_free_error_details         ? 
_refine.ls_percent_reflns_R_free                 ? 
_refine.ls_number_reflns_R_free                  ? 
_refine.ls_number_parameters                     ? 
_refine.ls_number_restraints                     ? 
_refine.occupancy_min                            ? 
_refine.occupancy_max                            ? 
_refine.B_iso_mean                               ? 
_refine.aniso_B[1][1]                            ? 
_refine.aniso_B[2][2]                            ? 
_refine.aniso_B[3][3]                            ? 
_refine.aniso_B[1][2]                            ? 
_refine.aniso_B[1][3]                            ? 
_refine.aniso_B[2][3]                            ? 
_refine.solvent_model_details                    ? 
_refine.solvent_model_param_ksol                 ? 
_refine.solvent_model_param_bsol                 ? 
_refine.pdbx_ls_cross_valid_method               ? 
_refine.details                                  ? 
_refine.pdbx_starting_model                      BDL020 
_refine.pdbx_method_to_determine_struct          'MOLECULAR REPLACEMENT' 
_refine.pdbx_isotropic_thermal_model             ? 
_refine.pdbx_stereochemistry_target_values       ? 
_refine.pdbx_stereochem_target_val_spec_case     ? 
_refine.pdbx_R_Free_selection_details            ? 
_refine.pdbx_overall_ESU_R                       ? 
_refine.pdbx_overall_ESU_R_Free                  ? 
_refine.overall_SU_ML                            ? 
_refine.overall_SU_B                             ? 
_refine.pdbx_refine_id                           'X-RAY DIFFRACTION' 
_refine.pdbx_diffrn_id                           1 
_refine.pdbx_TLS_residual_ADP_flag               ? 
_refine.correlation_coeff_Fo_to_Fc               ? 
_refine.correlation_coeff_Fo_to_Fc_free          ? 
_refine.pdbx_solvent_vdw_probe_radii             ? 
_refine.pdbx_solvent_ion_probe_radii             ? 
_refine.pdbx_solvent_shrinkage_radii             ? 
_refine.pdbx_overall_phase_error                 ? 
_refine.overall_SU_R_Cruickshank_DPI             ? 
_refine.pdbx_overall_SU_R_free_Cruickshank_DPI   ? 
_refine.pdbx_overall_SU_R_Blow_DPI               ? 
_refine.pdbx_overall_SU_R_free_Blow_DPI          ? 
# 
_refine_hist.pdbx_refine_id                   'X-RAY DIFFRACTION' 
_refine_hist.cycle_id                         LAST 
_refine_hist.pdbx_number_atoms_protein        0 
_refine_hist.pdbx_number_atoms_nucleic_acid   486 
_refine_hist.pdbx_number_atoms_ligand         37 
_refine_hist.number_atoms_solvent             76 
_refine_hist.number_atoms_total               599 
_refine_hist.d_res_high                       2.600 
_refine_hist.d_res_low                        8.000 
# 
loop_
_refine_ls_restr.type 
_refine_ls_restr.dev_ideal 
_refine_ls_restr.dev_ideal_target 
_refine_ls_restr.weight 
_refine_ls_restr.number 
_refine_ls_restr.pdbx_refine_id 
_refine_ls_restr.pdbx_restraint_function 
x_bond_d                0.022 ? ? ? 'X-RAY DIFFRACTION' ? 
x_bond_d_na             ?     ? ? ? 'X-RAY DIFFRACTION' ? 
x_bond_d_prot           ?     ? ? ? 'X-RAY DIFFRACTION' ? 
x_angle_d               ?     ? ? ? 'X-RAY DIFFRACTION' ? 
x_angle_d_na            ?     ? ? ? 'X-RAY DIFFRACTION' ? 
x_angle_d_prot          ?     ? ? ? 'X-RAY DIFFRACTION' ? 
x_angle_deg             1.61  ? ? ? 'X-RAY DIFFRACTION' ? 
x_angle_deg_na          ?     ? ? ? 'X-RAY DIFFRACTION' ? 
x_angle_deg_prot        ?     ? ? ? 'X-RAY DIFFRACTION' ? 
x_dihedral_angle_d      ?     ? ? ? 'X-RAY DIFFRACTION' ? 
x_dihedral_angle_d_na   ?     ? ? ? 'X-RAY DIFFRACTION' ? 
x_dihedral_angle_d_prot ?     ? ? ? 'X-RAY DIFFRACTION' ? 
x_improper_angle_d      ?     ? ? ? 'X-RAY DIFFRACTION' ? 
x_improper_angle_d_na   ?     ? ? ? 'X-RAY DIFFRACTION' ? 
x_improper_angle_d_prot ?     ? ? ? 'X-RAY DIFFRACTION' ? 
x_mcbond_it             ?     ? ? ? 'X-RAY DIFFRACTION' ? 
x_mcangle_it            ?     ? ? ? 'X-RAY DIFFRACTION' ? 
x_scbond_it             ?     ? ? ? 'X-RAY DIFFRACTION' ? 
x_scangle_it            ?     ? ? ? 'X-RAY DIFFRACTION' ? 
# 
_struct.entry_id                  328D 
_struct.title                     'STRUCTURE OF A D(CGCGAATTCGCG)2-SN7167 COMPLEX' 
_struct.pdbx_model_details        ? 
_struct.pdbx_CASP_flag            ? 
_struct.pdbx_model_type_details   ? 
# 
_struct_keywords.entry_id        328D 
_struct_keywords.pdbx_keywords   DNA 
_struct_keywords.text            'B-DNA, COMPLEXED WITH DRUG, DNA' 
# 
loop_
_struct_asym.id 
_struct_asym.pdbx_blank_PDB_chainid_flag 
_struct_asym.pdbx_modified 
_struct_asym.entity_id 
_struct_asym.details 
A N N 1 ? 
B N N 1 ? 
C N N 2 ? 
D N N 3 ? 
E N N 3 ? 
# 
_struct_ref.id                         1 
_struct_ref.entity_id                  1 
_struct_ref.db_name                    PDB 
_struct_ref.db_code                    328D 
_struct_ref.pdbx_db_accession          328D 
_struct_ref.pdbx_db_isoform            ? 
_struct_ref.pdbx_seq_one_letter_code   ? 
_struct_ref.pdbx_align_begin           ? 
# 
loop_
_struct_ref_seq.align_id 
_struct_ref_seq.ref_id 
_struct_ref_seq.pdbx_PDB_id_code 
_struct_ref_seq.pdbx_strand_id 
_struct_ref_seq.seq_align_beg 
_struct_ref_seq.pdbx_seq_align_beg_ins_code 
_struct_ref_seq.seq_align_end 
_struct_ref_seq.pdbx_seq_align_end_ins_code 
_struct_ref_seq.pdbx_db_accession 
_struct_ref_seq.db_align_beg 
_struct_ref_seq.pdbx_db_align_beg_ins_code 
_struct_ref_seq.db_align_end 
_struct_ref_seq.pdbx_db_align_end_ins_code 
_struct_ref_seq.pdbx_auth_seq_align_beg 
_struct_ref_seq.pdbx_auth_seq_align_end 
1 1 328D A 1 ? 12 ? 328D 1  ? 12 ? 1  12 
2 1 328D B 1 ? 12 ? 328D 13 ? 24 ? 13 24 
# 
_pdbx_struct_assembly.id                   1 
_pdbx_struct_assembly.details              author_defined_assembly 
_pdbx_struct_assembly.method_details       ? 
_pdbx_struct_assembly.oligomeric_details   dimeric 
_pdbx_struct_assembly.oligomeric_count     2 
# 
_pdbx_struct_assembly_gen.assembly_id       1 
_pdbx_struct_assembly_gen.oper_expression   1 
_pdbx_struct_assembly_gen.asym_id_list      A,B,C,D,E 
# 
_pdbx_struct_oper_list.id                   1 
_pdbx_struct_oper_list.type                 'identity operation' 
_pdbx_struct_oper_list.name                 1_555 
_pdbx_struct_oper_list.symmetry_operation   x,y,z 
_pdbx_struct_oper_list.matrix[1][1]         1.0000000000 
_pdbx_struct_oper_list.matrix[1][2]         0.0000000000 
_pdbx_struct_oper_list.matrix[1][3]         0.0000000000 
_pdbx_struct_oper_list.vector[1]            0.0000000000 
_pdbx_struct_oper_list.matrix[2][1]         0.0000000000 
_pdbx_struct_oper_list.matrix[2][2]         1.0000000000 
_pdbx_struct_oper_list.matrix[2][3]         0.0000000000 
_pdbx_struct_oper_list.vector[2]            0.0000000000 
_pdbx_struct_oper_list.matrix[3][1]         0.0000000000 
_pdbx_struct_oper_list.matrix[3][2]         0.0000000000 
_pdbx_struct_oper_list.matrix[3][3]         1.0000000000 
_pdbx_struct_oper_list.vector[3]            0.0000000000 
# 
_struct_biol.id   1 
# 
loop_
_struct_conn.id 
_struct_conn.conn_type_id 
_struct_conn.pdbx_leaving_atom_flag 
_struct_conn.pdbx_PDB_id 
_struct_conn.ptnr1_label_asym_id 
_struct_conn.ptnr1_label_comp_id 
_struct_conn.ptnr1_label_seq_id 
_struct_conn.ptnr1_label_atom_id 
_struct_conn.pdbx_ptnr1_label_alt_id 
_struct_conn.pdbx_ptnr1_PDB_ins_code 
_struct_conn.pdbx_ptnr1_standard_comp_id 
_struct_conn.ptnr1_symmetry 
_struct_conn.ptnr2_label_asym_id 
_struct_conn.ptnr2_label_comp_id 
_struct_conn.ptnr2_label_seq_id 
_struct_conn.ptnr2_label_atom_id 
_struct_conn.pdbx_ptnr2_label_alt_id 
_struct_conn.pdbx_ptnr2_PDB_ins_code 
_struct_conn.ptnr1_auth_asym_id 
_struct_conn.ptnr1_auth_comp_id 
_struct_conn.ptnr1_auth_seq_id 
_struct_conn.ptnr2_auth_asym_id 
_struct_conn.ptnr2_auth_comp_id 
_struct_conn.ptnr2_auth_seq_id 
_struct_conn.ptnr2_symmetry 
_struct_conn.pdbx_ptnr3_label_atom_id 
_struct_conn.pdbx_ptnr3_label_seq_id 
_struct_conn.pdbx_ptnr3_label_comp_id 
_struct_conn.pdbx_ptnr3_label_asym_id 
_struct_conn.pdbx_ptnr3_label_alt_id 
_struct_conn.pdbx_ptnr3_PDB_ins_code 
_struct_conn.details 
_struct_conn.pdbx_dist_value 
_struct_conn.pdbx_value_order 
_struct_conn.pdbx_role 
hydrog1  hydrog ? ? A DC 1  N3 ? ? ? 1_555 B DG 12 N1 ? ? A DC 1  B DG 24 1_555 ? ? ? ? ? ? WATSON-CRICK ? ? ? 
hydrog2  hydrog ? ? A DC 1  N4 ? ? ? 1_555 B DG 12 O6 ? ? A DC 1  B DG 24 1_555 ? ? ? ? ? ? WATSON-CRICK ? ? ? 
hydrog3  hydrog ? ? A DC 1  O2 ? ? ? 1_555 B DG 12 N2 ? ? A DC 1  B DG 24 1_555 ? ? ? ? ? ? WATSON-CRICK ? ? ? 
hydrog4  hydrog ? ? A DG 2  N1 ? ? ? 1_555 B DC 11 N3 ? ? A DG 2  B DC 23 1_555 ? ? ? ? ? ? WATSON-CRICK ? ? ? 
hydrog5  hydrog ? ? A DG 2  N2 ? ? ? 1_555 B DC 11 O2 ? ? A DG 2  B DC 23 1_555 ? ? ? ? ? ? WATSON-CRICK ? ? ? 
hydrog6  hydrog ? ? A DG 2  O6 ? ? ? 1_555 B DC 11 N4 ? ? A DG 2  B DC 23 1_555 ? ? ? ? ? ? WATSON-CRICK ? ? ? 
hydrog7  hydrog ? ? A DC 3  N3 ? ? ? 1_555 B DG 10 N1 ? ? A DC 3  B DG 22 1_555 ? ? ? ? ? ? WATSON-CRICK ? ? ? 
hydrog8  hydrog ? ? A DC 3  N4 ? ? ? 1_555 B DG 10 O6 ? ? A DC 3  B DG 22 1_555 ? ? ? ? ? ? WATSON-CRICK ? ? ? 
hydrog9  hydrog ? ? A DC 3  O2 ? ? ? 1_555 B DG 10 N2 ? ? A DC 3  B DG 22 1_555 ? ? ? ? ? ? WATSON-CRICK ? ? ? 
hydrog10 hydrog ? ? A DG 4  N1 ? ? ? 1_555 B DC 9  N3 ? ? A DG 4  B DC 21 1_555 ? ? ? ? ? ? WATSON-CRICK ? ? ? 
hydrog11 hydrog ? ? A DG 4  N2 ? ? ? 1_555 B DC 9  O2 ? ? A DG 4  B DC 21 1_555 ? ? ? ? ? ? WATSON-CRICK ? ? ? 
hydrog12 hydrog ? ? A DG 4  O6 ? ? ? 1_555 B DC 9  N4 ? ? A DG 4  B DC 21 1_555 ? ? ? ? ? ? WATSON-CRICK ? ? ? 
hydrog13 hydrog ? ? A DA 5  N1 ? ? ? 1_555 B DT 8  N3 ? ? A DA 5  B DT 20 1_555 ? ? ? ? ? ? WATSON-CRICK ? ? ? 
hydrog14 hydrog ? ? A DA 5  N6 ? ? ? 1_555 B DT 8  O4 ? ? A DA 5  B DT 20 1_555 ? ? ? ? ? ? WATSON-CRICK ? ? ? 
hydrog15 hydrog ? ? A DA 6  N1 ? ? ? 1_555 B DT 7  N3 ? ? A DA 6  B DT 19 1_555 ? ? ? ? ? ? WATSON-CRICK ? ? ? 
hydrog16 hydrog ? ? A DA 6  N6 ? ? ? 1_555 B DT 7  O4 ? ? A DA 6  B DT 19 1_555 ? ? ? ? ? ? WATSON-CRICK ? ? ? 
hydrog17 hydrog ? ? A DT 7  N3 ? ? ? 1_555 B DA 6  N1 ? ? A DT 7  B DA 18 1_555 ? ? ? ? ? ? WATSON-CRICK ? ? ? 
hydrog18 hydrog ? ? A DT 7  O4 ? ? ? 1_555 B DA 6  N6 ? ? A DT 7  B DA 18 1_555 ? ? ? ? ? ? WATSON-CRICK ? ? ? 
hydrog19 hydrog ? ? A DT 8  N3 ? ? ? 1_555 B DA 5  N1 ? ? A DT 8  B DA 17 1_555 ? ? ? ? ? ? WATSON-CRICK ? ? ? 
hydrog20 hydrog ? ? A DT 8  O4 ? ? ? 1_555 B DA 5  N6 ? ? A DT 8  B DA 17 1_555 ? ? ? ? ? ? WATSON-CRICK ? ? ? 
hydrog21 hydrog ? ? A DC 9  N3 ? ? ? 1_555 B DG 4  N1 ? ? A DC 9  B DG 16 1_555 ? ? ? ? ? ? WATSON-CRICK ? ? ? 
hydrog22 hydrog ? ? A DC 9  N4 ? ? ? 1_555 B DG 4  O6 ? ? A DC 9  B DG 16 1_555 ? ? ? ? ? ? WATSON-CRICK ? ? ? 
hydrog23 hydrog ? ? A DC 9  O2 ? ? ? 1_555 B DG 4  N2 ? ? A DC 9  B DG 16 1_555 ? ? ? ? ? ? WATSON-CRICK ? ? ? 
hydrog24 hydrog ? ? A DG 10 N1 ? ? ? 1_555 B DC 3  N3 ? ? A DG 10 B DC 15 1_555 ? ? ? ? ? ? WATSON-CRICK ? ? ? 
hydrog25 hydrog ? ? A DG 10 N2 ? ? ? 1_555 B DC 3  O2 ? ? A DG 10 B DC 15 1_555 ? ? ? ? ? ? WATSON-CRICK ? ? ? 
hydrog26 hydrog ? ? A DG 10 O6 ? ? ? 1_555 B DC 3  N4 ? ? A DG 10 B DC 15 1_555 ? ? ? ? ? ? WATSON-CRICK ? ? ? 
hydrog27 hydrog ? ? A DC 11 N3 ? ? ? 1_555 B DG 2  N1 ? ? A DC 11 B DG 14 1_555 ? ? ? ? ? ? WATSON-CRICK ? ? ? 
hydrog28 hydrog ? ? A DC 11 N4 ? ? ? 1_555 B DG 2  O6 ? ? A DC 11 B DG 14 1_555 ? ? ? ? ? ? WATSON-CRICK ? ? ? 
hydrog29 hydrog ? ? A DC 11 O2 ? ? ? 1_555 B DG 2  N2 ? ? A DC 11 B DG 14 1_555 ? ? ? ? ? ? WATSON-CRICK ? ? ? 
hydrog30 hydrog ? ? A DG 12 N1 ? ? ? 1_555 B DC 1  N3 ? ? A DG 12 B DC 13 1_555 ? ? ? ? ? ? WATSON-CRICK ? ? ? 
hydrog31 hydrog ? ? A DG 12 N2 ? ? ? 1_555 B DC 1  O2 ? ? A DG 12 B DC 13 1_555 ? ? ? ? ? ? WATSON-CRICK ? ? ? 
hydrog32 hydrog ? ? A DG 12 O6 ? ? ? 1_555 B DC 1  N4 ? ? A DG 12 B DC 13 1_555 ? ? ? ? ? ? WATSON-CRICK ? ? ? 
# 
_struct_conn_type.id          hydrog 
_struct_conn_type.criteria    ? 
_struct_conn_type.reference   ? 
# 
loop_
_struct_site.id 
_struct_site.pdbx_evidence_code 
_struct_site.pdbx_auth_asym_id 
_struct_site.pdbx_auth_comp_id 
_struct_site.pdbx_auth_seq_id 
_struct_site.pdbx_auth_ins_code 
_struct_site.pdbx_num_residues 
_struct_site.details 
AC1                 Software A SN7 25 ? 10 'BINDING SITE FOR RESIDUE SN7 A 25' 
'DRUG BINDING SITE' ?        ? ?   ?  ? ?  ?                                   
# 
loop_
_struct_site_gen.id 
_struct_site_gen.site_id 
_struct_site_gen.pdbx_num_res 
_struct_site_gen.label_comp_id 
_struct_site_gen.label_asym_id 
_struct_site_gen.label_seq_id 
_struct_site_gen.pdbx_auth_ins_code 
_struct_site_gen.auth_comp_id 
_struct_site_gen.auth_asym_id 
_struct_site_gen.auth_seq_id 
_struct_site_gen.label_atom_id 
_struct_site_gen.label_alt_id 
_struct_site_gen.symmetry 
_struct_site_gen.details 
1  AC1 10 DA  A 5 ? DA  A 5  . ? 1_555 ? 
2  AC1 10 DA  A 6 ? DA  A 6  . ? 1_555 ? 
3  AC1 10 DT  A 8 ? DT  A 8  . ? 1_555 ? 
4  AC1 10 DC  A 9 ? DC  A 9  . ? 1_555 ? 
5  AC1 10 DA  B 5 ? DA  B 17 . ? 1_555 ? 
6  AC1 10 DA  B 6 ? DA  B 18 . ? 1_555 ? 
7  AC1 10 DT  B 7 ? DT  B 19 . ? 1_555 ? 
8  AC1 10 DT  B 8 ? DT  B 20 . ? 1_555 ? 
9  AC1 10 DC  B 9 ? DC  B 21 . ? 1_555 ? 
10 AC1 10 HOH E . ? HOH B 45 . ? 1_555 ? 
# 
loop_
_pdbx_validate_rmsd_bond.id 
_pdbx_validate_rmsd_bond.PDB_model_num 
_pdbx_validate_rmsd_bond.auth_atom_id_1 
_pdbx_validate_rmsd_bond.auth_asym_id_1 
_pdbx_validate_rmsd_bond.auth_comp_id_1 
_pdbx_validate_rmsd_bond.auth_seq_id_1 
_pdbx_validate_rmsd_bond.PDB_ins_code_1 
_pdbx_validate_rmsd_bond.label_alt_id_1 
_pdbx_validate_rmsd_bond.auth_atom_id_2 
_pdbx_validate_rmsd_bond.auth_asym_id_2 
_pdbx_validate_rmsd_bond.auth_comp_id_2 
_pdbx_validate_rmsd_bond.auth_seq_id_2 
_pdbx_validate_rmsd_bond.PDB_ins_code_2 
_pdbx_validate_rmsd_bond.label_alt_id_2 
_pdbx_validate_rmsd_bond.bond_value 
_pdbx_validate_rmsd_bond.bond_target_value 
_pdbx_validate_rmsd_bond.bond_deviation 
_pdbx_validate_rmsd_bond.bond_standard_deviation 
_pdbx_validate_rmsd_bond.linker_flag 
1  1 "O3'" A DG 2  ? ? "C3'" A DG 2  ? ? 1.348 1.419 -0.071 0.006 N 
2  1 "O3'" A DG 2  ? ? P     A DC 3  ? ? 1.508 1.607 -0.099 0.012 Y 
3  1 "C5'" A DC 3  ? ? "C4'" A DC 3  ? ? 1.576 1.512 0.064  0.007 N 
4  1 P     A DT 7  ? ? "O5'" A DT 7  ? ? 1.526 1.593 -0.067 0.010 N 
5  1 "O3'" A DT 7  ? ? "C3'" A DT 7  ? ? 1.364 1.419 -0.055 0.006 N 
6  1 N3    A DT 7  ? ? C4    A DT 7  ? ? 1.328 1.382 -0.054 0.008 N 
7  1 C6    A DT 7  ? ? N1    A DT 7  ? ? 1.331 1.378 -0.047 0.007 N 
8  1 P     B DT 20 ? ? "O5'" B DT 20 ? ? 1.511 1.593 -0.082 0.010 N 
9  1 "O3'" B DT 20 ? ? P     B DC 21 ? ? 1.534 1.607 -0.073 0.012 Y 
10 1 C2    B DC 23 ? ? O2    B DC 23 ? ? 1.180 1.240 -0.060 0.009 N 
# 
loop_
_pdbx_validate_rmsd_angle.id 
_pdbx_validate_rmsd_angle.PDB_model_num 
_pdbx_validate_rmsd_angle.auth_atom_id_1 
_pdbx_validate_rmsd_angle.auth_asym_id_1 
_pdbx_validate_rmsd_angle.auth_comp_id_1 
_pdbx_validate_rmsd_angle.auth_seq_id_1 
_pdbx_validate_rmsd_angle.PDB_ins_code_1 
_pdbx_validate_rmsd_angle.label_alt_id_1 
_pdbx_validate_rmsd_angle.auth_atom_id_2 
_pdbx_validate_rmsd_angle.auth_asym_id_2 
_pdbx_validate_rmsd_angle.auth_comp_id_2 
_pdbx_validate_rmsd_angle.auth_seq_id_2 
_pdbx_validate_rmsd_angle.PDB_ins_code_2 
_pdbx_validate_rmsd_angle.label_alt_id_2 
_pdbx_validate_rmsd_angle.auth_atom_id_3 
_pdbx_validate_rmsd_angle.auth_asym_id_3 
_pdbx_validate_rmsd_angle.auth_comp_id_3 
_pdbx_validate_rmsd_angle.auth_seq_id_3 
_pdbx_validate_rmsd_angle.PDB_ins_code_3 
_pdbx_validate_rmsd_angle.label_alt_id_3 
_pdbx_validate_rmsd_angle.angle_value 
_pdbx_validate_rmsd_angle.angle_target_value 
_pdbx_validate_rmsd_angle.angle_deviation 
_pdbx_validate_rmsd_angle.angle_standard_deviation 
_pdbx_validate_rmsd_angle.linker_flag 
1 1 C4 A DT 7 ? ? C5 A DT 7 ? ? C6 A DT 7 ? ? 121.89 118.00 3.89  0.60 N 
2 1 C4 A DT 7 ? ? C5 A DT 7 ? ? C7 A DT 7 ? ? 115.23 119.00 -3.77 0.60 N 
# 
loop_
_pdbx_validate_planes.id 
_pdbx_validate_planes.PDB_model_num 
_pdbx_validate_planes.auth_comp_id 
_pdbx_validate_planes.auth_asym_id 
_pdbx_validate_planes.auth_seq_id 
_pdbx_validate_planes.PDB_ins_code 
_pdbx_validate_planes.label_alt_id 
_pdbx_validate_planes.rmsd 
_pdbx_validate_planes.type 
1 1 DA A 5  ? ? 0.071 'SIDE CHAIN' 
2 1 DC A 11 ? ? 0.087 'SIDE CHAIN' 
3 1 DG B 16 ? ? 0.087 'SIDE CHAIN' 
4 1 DC B 21 ? ? 0.064 'SIDE CHAIN' 
5 1 DG B 22 ? ? 0.066 'SIDE CHAIN' 
# 
_struct_site_keywords.site_id   'DRUG BINDING SITE' 
_struct_site_keywords.text      'MINOR GROOVE BINDER' 
# 
loop_
_refine_B_iso.class 
_refine_B_iso.details 
_refine_B_iso.treatment 
_refine_B_iso.pdbx_refine_id 
'ALL ATOMS'  TR isotropic 'X-RAY DIFFRACTION' 
'ALL WATERS' TR isotropic 'X-RAY DIFFRACTION' 
# 
loop_
_refine_occupancy.class 
_refine_occupancy.treatment 
_refine_occupancy.pdbx_refine_id 
'ALL ATOMS'  fix 'X-RAY DIFFRACTION' 
'ALL WATERS' fix 'X-RAY DIFFRACTION' 
# 
loop_
_chem_comp_atom.comp_id 
_chem_comp_atom.atom_id 
_chem_comp_atom.type_symbol 
_chem_comp_atom.pdbx_aromatic_flag 
_chem_comp_atom.pdbx_stereo_config 
_chem_comp_atom.pdbx_ordinal 
DA  OP3    O N N 1   
DA  P      P N N 2   
DA  OP1    O N N 3   
DA  OP2    O N N 4   
DA  "O5'"  O N N 5   
DA  "C5'"  C N N 6   
DA  "C4'"  C N R 7   
DA  "O4'"  O N N 8   
DA  "C3'"  C N S 9   
DA  "O3'"  O N N 10  
DA  "C2'"  C N N 11  
DA  "C1'"  C N R 12  
DA  N9     N Y N 13  
DA  C8     C Y N 14  
DA  N7     N Y N 15  
DA  C5     C Y N 16  
DA  C6     C Y N 17  
DA  N6     N N N 18  
DA  N1     N Y N 19  
DA  C2     C Y N 20  
DA  N3     N Y N 21  
DA  C4     C Y N 22  
DA  HOP3   H N N 23  
DA  HOP2   H N N 24  
DA  "H5'"  H N N 25  
DA  "H5''" H N N 26  
DA  "H4'"  H N N 27  
DA  "H3'"  H N N 28  
DA  "HO3'" H N N 29  
DA  "H2'"  H N N 30  
DA  "H2''" H N N 31  
DA  "H1'"  H N N 32  
DA  H8     H N N 33  
DA  H61    H N N 34  
DA  H62    H N N 35  
DA  H2     H N N 36  
DC  OP3    O N N 37  
DC  P      P N N 38  
DC  OP1    O N N 39  
DC  OP2    O N N 40  
DC  "O5'"  O N N 41  
DC  "C5'"  C N N 42  
DC  "C4'"  C N R 43  
DC  "O4'"  O N N 44  
DC  "C3'"  C N S 45  
DC  "O3'"  O N N 46  
DC  "C2'"  C N N 47  
DC  "C1'"  C N R 48  
DC  N1     N N N 49  
DC  C2     C N N 50  
DC  O2     O N N 51  
DC  N3     N N N 52  
DC  C4     C N N 53  
DC  N4     N N N 54  
DC  C5     C N N 55  
DC  C6     C N N 56  
DC  HOP3   H N N 57  
DC  HOP2   H N N 58  
DC  "H5'"  H N N 59  
DC  "H5''" H N N 60  
DC  "H4'"  H N N 61  
DC  "H3'"  H N N 62  
DC  "HO3'" H N N 63  
DC  "H2'"  H N N 64  
DC  "H2''" H N N 65  
DC  "H1'"  H N N 66  
DC  H41    H N N 67  
DC  H42    H N N 68  
DC  H5     H N N 69  
DC  H6     H N N 70  
DG  OP3    O N N 71  
DG  P      P N N 72  
DG  OP1    O N N 73  
DG  OP2    O N N 74  
DG  "O5'"  O N N 75  
DG  "C5'"  C N N 76  
DG  "C4'"  C N R 77  
DG  "O4'"  O N N 78  
DG  "C3'"  C N S 79  
DG  "O3'"  O N N 80  
DG  "C2'"  C N N 81  
DG  "C1'"  C N R 82  
DG  N9     N Y N 83  
DG  C8     C Y N 84  
DG  N7     N Y N 85  
DG  C5     C Y N 86  
DG  C6     C N N 87  
DG  O6     O N N 88  
DG  N1     N N N 89  
DG  C2     C N N 90  
DG  N2     N N N 91  
DG  N3     N N N 92  
DG  C4     C Y N 93  
DG  HOP3   H N N 94  
DG  HOP2   H N N 95  
DG  "H5'"  H N N 96  
DG  "H5''" H N N 97  
DG  "H4'"  H N N 98  
DG  "H3'"  H N N 99  
DG  "HO3'" H N N 100 
DG  "H2'"  H N N 101 
DG  "H2''" H N N 102 
DG  "H1'"  H N N 103 
DG  H8     H N N 104 
DG  H1     H N N 105 
DG  H21    H N N 106 
DG  H22    H N N 107 
DT  OP3    O N N 108 
DT  P      P N N 109 
DT  OP1    O N N 110 
DT  OP2    O N N 111 
DT  "O5'"  O N N 112 
DT  "C5'"  C N N 113 
DT  "C4'"  C N R 114 
DT  "O4'"  O N N 115 
DT  "C3'"  C N S 116 
DT  "O3'"  O N N 117 
DT  "C2'"  C N N 118 
DT  "C1'"  C N R 119 
DT  N1     N N N 120 
DT  C2     C N N 121 
DT  O2     O N N 122 
DT  N3     N N N 123 
DT  C4     C N N 124 
DT  O4     O N N 125 
DT  C5     C N N 126 
DT  C7     C N N 127 
DT  C6     C N N 128 
DT  HOP3   H N N 129 
DT  HOP2   H N N 130 
DT  "H5'"  H N N 131 
DT  "H5''" H N N 132 
DT  "H4'"  H N N 133 
DT  "H3'"  H N N 134 
DT  "HO3'" H N N 135 
DT  "H2'"  H N N 136 
DT  "H2''" H N N 137 
DT  "H1'"  H N N 138 
DT  H3     H N N 139 
DT  H71    H N N 140 
DT  H72    H N N 141 
DT  H73    H N N 142 
DT  H6     H N N 143 
HOH O      O N N 144 
HOH H1     H N N 145 
HOH H2     H N N 146 
SN7 C1     C Y N 147 
SN7 C2     C Y N 148 
SN7 C3     C Y N 149 
SN7 C4     C Y N 150 
SN7 C5     C Y N 151 
SN7 C6     C Y N 152 
SN7 N7     N Y N 153 
SN7 C8     C Y N 154 
SN7 C9     C Y N 155 
SN7 C10    C Y N 156 
SN7 N11    N N N 157 
SN7 C12    C Y N 158 
SN7 C13    C Y N 159 
SN7 C14    C Y N 160 
SN7 C15    C Y N 161 
SN7 C16    C Y N 162 
SN7 C17    C Y N 163 
SN7 C18    C N N 164 
SN7 O19    O N N 165 
SN7 N20    N N N 166 
SN7 C21    C Y N 167 
SN7 C22    C Y N 168 
SN7 C23    C Y N 169 
SN7 C24    C Y N 170 
SN7 C25    C Y N 171 
SN7 C26    C Y N 172 
SN7 N27    N N N 173 
SN7 C28    C Y N 174 
SN7 C29    C Y N 175 
SN7 C30    C Y N 176 
SN7 N31    N Y N 177 
SN7 C32    C Y N 178 
SN7 C33    C Y N 179 
SN7 C34    C N N 180 
SN7 C35    C N N 181 
SN7 N36    N N N 182 
SN7 N37    N N N 183 
SN7 H1     H N N 184 
SN7 H2     H N N 185 
SN7 H5     H N N 186 
SN7 H8     H N N 187 
SN7 H9     H N N 188 
SN7 HN1    H N N 189 
SN7 H13    H N N 190 
SN7 H14    H N N 191 
SN7 H17    H N N 192 
SN7 HN2    H N N 193 
SN7 H22    H N N 194 
SN7 H23    H N N 195 
SN7 H25    H N N 196 
SN7 H26    H N N 197 
SN7 HN7    H N N 198 
SN7 H29    H N N 199 
SN7 H30    H N N 200 
SN7 H32    H N N 201 
SN7 H33    H N N 202 
SN7 H341   H N N 203 
SN7 H342   H N N 204 
SN7 H343   H N N 205 
SN7 H351   H N N 206 
SN7 H352   H N N 207 
SN7 H353   H N N 208 
SN7 H361   H N N 209 
SN7 H362   H N N 210 
SN7 H371   H N N 211 
SN7 H372   H N N 212 
# 
loop_
_chem_comp_bond.comp_id 
_chem_comp_bond.atom_id_1 
_chem_comp_bond.atom_id_2 
_chem_comp_bond.value_order 
_chem_comp_bond.pdbx_aromatic_flag 
_chem_comp_bond.pdbx_stereo_config 
_chem_comp_bond.pdbx_ordinal 
DA  OP3   P      sing N N 1   
DA  OP3   HOP3   sing N N 2   
DA  P     OP1    doub N N 3   
DA  P     OP2    sing N N 4   
DA  P     "O5'"  sing N N 5   
DA  OP2   HOP2   sing N N 6   
DA  "O5'" "C5'"  sing N N 7   
DA  "C5'" "C4'"  sing N N 8   
DA  "C5'" "H5'"  sing N N 9   
DA  "C5'" "H5''" sing N N 10  
DA  "C4'" "O4'"  sing N N 11  
DA  "C4'" "C3'"  sing N N 12  
DA  "C4'" "H4'"  sing N N 13  
DA  "O4'" "C1'"  sing N N 14  
DA  "C3'" "O3'"  sing N N 15  
DA  "C3'" "C2'"  sing N N 16  
DA  "C3'" "H3'"  sing N N 17  
DA  "O3'" "HO3'" sing N N 18  
DA  "C2'" "C1'"  sing N N 19  
DA  "C2'" "H2'"  sing N N 20  
DA  "C2'" "H2''" sing N N 21  
DA  "C1'" N9     sing N N 22  
DA  "C1'" "H1'"  sing N N 23  
DA  N9    C8     sing Y N 24  
DA  N9    C4     sing Y N 25  
DA  C8    N7     doub Y N 26  
DA  C8    H8     sing N N 27  
DA  N7    C5     sing Y N 28  
DA  C5    C6     sing Y N 29  
DA  C5    C4     doub Y N 30  
DA  C6    N6     sing N N 31  
DA  C6    N1     doub Y N 32  
DA  N6    H61    sing N N 33  
DA  N6    H62    sing N N 34  
DA  N1    C2     sing Y N 35  
DA  C2    N3     doub Y N 36  
DA  C2    H2     sing N N 37  
DA  N3    C4     sing Y N 38  
DC  OP3   P      sing N N 39  
DC  OP3   HOP3   sing N N 40  
DC  P     OP1    doub N N 41  
DC  P     OP2    sing N N 42  
DC  P     "O5'"  sing N N 43  
DC  OP2   HOP2   sing N N 44  
DC  "O5'" "C5'"  sing N N 45  
DC  "C5'" "C4'"  sing N N 46  
DC  "C5'" "H5'"  sing N N 47  
DC  "C5'" "H5''" sing N N 48  
DC  "C4'" "O4'"  sing N N 49  
DC  "C4'" "C3'"  sing N N 50  
DC  "C4'" "H4'"  sing N N 51  
DC  "O4'" "C1'"  sing N N 52  
DC  "C3'" "O3'"  sing N N 53  
DC  "C3'" "C2'"  sing N N 54  
DC  "C3'" "H3'"  sing N N 55  
DC  "O3'" "HO3'" sing N N 56  
DC  "C2'" "C1'"  sing N N 57  
DC  "C2'" "H2'"  sing N N 58  
DC  "C2'" "H2''" sing N N 59  
DC  "C1'" N1     sing N N 60  
DC  "C1'" "H1'"  sing N N 61  
DC  N1    C2     sing N N 62  
DC  N1    C6     sing N N 63  
DC  C2    O2     doub N N 64  
DC  C2    N3     sing N N 65  
DC  N3    C4     doub N N 66  
DC  C4    N4     sing N N 67  
DC  C4    C5     sing N N 68  
DC  N4    H41    sing N N 69  
DC  N4    H42    sing N N 70  
DC  C5    C6     doub N N 71  
DC  C5    H5     sing N N 72  
DC  C6    H6     sing N N 73  
DG  OP3   P      sing N N 74  
DG  OP3   HOP3   sing N N 75  
DG  P     OP1    doub N N 76  
DG  P     OP2    sing N N 77  
DG  P     "O5'"  sing N N 78  
DG  OP2   HOP2   sing N N 79  
DG  "O5'" "C5'"  sing N N 80  
DG  "C5'" "C4'"  sing N N 81  
DG  "C5'" "H5'"  sing N N 82  
DG  "C5'" "H5''" sing N N 83  
DG  "C4'" "O4'"  sing N N 84  
DG  "C4'" "C3'"  sing N N 85  
DG  "C4'" "H4'"  sing N N 86  
DG  "O4'" "C1'"  sing N N 87  
DG  "C3'" "O3'"  sing N N 88  
DG  "C3'" "C2'"  sing N N 89  
DG  "C3'" "H3'"  sing N N 90  
DG  "O3'" "HO3'" sing N N 91  
DG  "C2'" "C1'"  sing N N 92  
DG  "C2'" "H2'"  sing N N 93  
DG  "C2'" "H2''" sing N N 94  
DG  "C1'" N9     sing N N 95  
DG  "C1'" "H1'"  sing N N 96  
DG  N9    C8     sing Y N 97  
DG  N9    C4     sing Y N 98  
DG  C8    N7     doub Y N 99  
DG  C8    H8     sing N N 100 
DG  N7    C5     sing Y N 101 
DG  C5    C6     sing N N 102 
DG  C5    C4     doub Y N 103 
DG  C6    O6     doub N N 104 
DG  C6    N1     sing N N 105 
DG  N1    C2     sing N N 106 
DG  N1    H1     sing N N 107 
DG  C2    N2     sing N N 108 
DG  C2    N3     doub N N 109 
DG  N2    H21    sing N N 110 
DG  N2    H22    sing N N 111 
DG  N3    C4     sing N N 112 
DT  OP3   P      sing N N 113 
DT  OP3   HOP3   sing N N 114 
DT  P     OP1    doub N N 115 
DT  P     OP2    sing N N 116 
DT  P     "O5'"  sing N N 117 
DT  OP2   HOP2   sing N N 118 
DT  "O5'" "C5'"  sing N N 119 
DT  "C5'" "C4'"  sing N N 120 
DT  "C5'" "H5'"  sing N N 121 
DT  "C5'" "H5''" sing N N 122 
DT  "C4'" "O4'"  sing N N 123 
DT  "C4'" "C3'"  sing N N 124 
DT  "C4'" "H4'"  sing N N 125 
DT  "O4'" "C1'"  sing N N 126 
DT  "C3'" "O3'"  sing N N 127 
DT  "C3'" "C2'"  sing N N 128 
DT  "C3'" "H3'"  sing N N 129 
DT  "O3'" "HO3'" sing N N 130 
DT  "C2'" "C1'"  sing N N 131 
DT  "C2'" "H2'"  sing N N 132 
DT  "C2'" "H2''" sing N N 133 
DT  "C1'" N1     sing N N 134 
DT  "C1'" "H1'"  sing N N 135 
DT  N1    C2     sing N N 136 
DT  N1    C6     sing N N 137 
DT  C2    O2     doub N N 138 
DT  C2    N3     sing N N 139 
DT  N3    C4     sing N N 140 
DT  N3    H3     sing N N 141 
DT  C4    O4     doub N N 142 
DT  C4    C5     sing N N 143 
DT  C5    C7     sing N N 144 
DT  C5    C6     doub N N 145 
DT  C7    H71    sing N N 146 
DT  C7    H72    sing N N 147 
DT  C7    H73    sing N N 148 
DT  C6    H6     sing N N 149 
HOH O     H1     sing N N 150 
HOH O     H2     sing N N 151 
SN7 C1    C2     doub Y N 152 
SN7 C1    C6     sing Y N 153 
SN7 C1    H1     sing N N 154 
SN7 C2    C3     sing Y N 155 
SN7 C2    H2     sing N N 156 
SN7 C3    C4     doub Y N 157 
SN7 C3    N7     sing Y N 158 
SN7 C4    C5     sing Y N 159 
SN7 C4    C10    sing Y N 160 
SN7 C5    C6     doub Y N 161 
SN7 C5    H5     sing N N 162 
SN7 C6    N36    sing N N 163 
SN7 N7    C8     doub Y N 164 
SN7 N7    C35    sing N N 165 
SN7 C8    C9     sing Y N 166 
SN7 C8    H8     sing N N 167 
SN7 C9    C10    doub Y N 168 
SN7 C9    H9     sing N N 169 
SN7 C10   N11    sing N N 170 
SN7 N11   C12    sing N N 171 
SN7 N11   HN1    sing N N 172 
SN7 C12   C13    doub Y N 173 
SN7 C12   C17    sing Y N 174 
SN7 C13   C14    sing Y N 175 
SN7 C13   H13    sing N N 176 
SN7 C14   C15    doub Y N 177 
SN7 C14   H14    sing N N 178 
SN7 C15   C16    sing Y N 179 
SN7 C15   C18    sing N N 180 
SN7 C16   C17    doub Y N 181 
SN7 C16   N37    sing N N 182 
SN7 C17   H17    sing N N 183 
SN7 C18   O19    doub N N 184 
SN7 C18   N20    sing N N 185 
SN7 N20   C21    sing N N 186 
SN7 N20   HN2    sing N N 187 
SN7 C21   C22    doub Y N 188 
SN7 C21   C26    sing Y N 189 
SN7 C22   C23    sing Y N 190 
SN7 C22   H22    sing N N 191 
SN7 C23   C24    doub Y N 192 
SN7 C23   H23    sing N N 193 
SN7 C24   C25    sing Y N 194 
SN7 C24   N27    sing N N 195 
SN7 C25   C26    doub Y N 196 
SN7 C25   H25    sing N N 197 
SN7 C26   H26    sing N N 198 
SN7 N27   C28    sing N N 199 
SN7 N27   HN7    sing N N 200 
SN7 C28   C29    doub Y N 201 
SN7 C28   C33    sing Y N 202 
SN7 C29   C30    sing Y N 203 
SN7 C29   H29    sing N N 204 
SN7 C30   N31    doub Y N 205 
SN7 C30   H30    sing N N 206 
SN7 N31   C32    sing Y N 207 
SN7 N31   C34    sing N N 208 
SN7 C32   C33    doub Y N 209 
SN7 C32   H32    sing N N 210 
SN7 C33   H33    sing N N 211 
SN7 C34   H341   sing N N 212 
SN7 C34   H342   sing N N 213 
SN7 C34   H343   sing N N 214 
SN7 C35   H351   sing N N 215 
SN7 C35   H352   sing N N 216 
SN7 C35   H353   sing N N 217 
SN7 N36   H361   sing N N 218 
SN7 N36   H362   sing N N 219 
SN7 N37   H371   sing N N 220 
SN7 N37   H372   sing N N 221 
# 
loop_
_ndb_struct_conf_na.entry_id 
_ndb_struct_conf_na.feature 
328D 'double helix'        
328D 'b-form double helix' 
# 
loop_
_ndb_struct_na_base_pair.model_number 
_ndb_struct_na_base_pair.i_label_asym_id 
_ndb_struct_na_base_pair.i_label_comp_id 
_ndb_struct_na_base_pair.i_label_seq_id 
_ndb_struct_na_base_pair.i_symmetry 
_ndb_struct_na_base_pair.j_label_asym_id 
_ndb_struct_na_base_pair.j_label_comp_id 
_ndb_struct_na_base_pair.j_label_seq_id 
_ndb_struct_na_base_pair.j_symmetry 
_ndb_struct_na_base_pair.shear 
_ndb_struct_na_base_pair.stretch 
_ndb_struct_na_base_pair.stagger 
_ndb_struct_na_base_pair.buckle 
_ndb_struct_na_base_pair.propeller 
_ndb_struct_na_base_pair.opening 
_ndb_struct_na_base_pair.pair_number 
_ndb_struct_na_base_pair.pair_name 
_ndb_struct_na_base_pair.i_auth_asym_id 
_ndb_struct_na_base_pair.i_auth_seq_id 
_ndb_struct_na_base_pair.i_PDB_ins_code 
_ndb_struct_na_base_pair.j_auth_asym_id 
_ndb_struct_na_base_pair.j_auth_seq_id 
_ndb_struct_na_base_pair.j_PDB_ins_code 
_ndb_struct_na_base_pair.hbond_type_28 
_ndb_struct_na_base_pair.hbond_type_12 
1 A DC 1  1_555 B DG 12 1_555 0.855  -0.116 0.353  2.856  -12.706 1.659  1  A_DC1:DG24_B  A 1  ? B 24 ? 19 1 
1 A DG 2  1_555 B DC 11 1_555 -0.373 -0.477 0.130  1.807  -14.891 -0.353 2  A_DG2:DC23_B  A 2  ? B 23 ? 19 1 
1 A DC 3  1_555 B DG 10 1_555 -0.212 -0.166 0.279  -3.617 -11.284 0.469  3  A_DC3:DG22_B  A 3  ? B 22 ? 19 1 
1 A DG 4  1_555 B DC 9  1_555 0.362  -0.392 0.287  13.548 -6.401  -1.966 4  A_DG4:DC21_B  A 4  ? B 21 ? 19 1 
1 A DA 5  1_555 B DT 8  1_555 0.527  -0.185 0.696  14.784 -16.050 2.554  5  A_DA5:DT20_B  A 5  ? B 20 ? 20 1 
1 A DA 6  1_555 B DT 7  1_555 -0.147 0.012  0.331  1.056  -16.428 0.656  6  A_DA6:DT19_B  A 6  ? B 19 ? 20 1 
1 A DT 7  1_555 B DA 6  1_555 0.369  -0.072 0.597  -4.255 -19.601 -0.896 7  A_DT7:DA18_B  A 7  ? B 18 ? 20 1 
1 A DT 8  1_555 B DA 5  1_555 0.016  -0.312 0.015  -7.008 -17.212 -2.814 8  A_DT8:DA17_B  A 8  ? B 17 ? 20 1 
1 A DC 9  1_555 B DG 4  1_555 0.026  -0.460 0.093  -9.345 -16.610 -4.516 9  A_DC9:DG16_B  A 9  ? B 16 ? 19 1 
1 A DG 10 1_555 B DC 3  1_555 0.066  -0.250 -0.072 -1.052 -13.406 -1.969 10 A_DG10:DC15_B A 10 ? B 15 ? 19 1 
1 A DC 11 1_555 B DG 2  1_555 0.047  0.031  0.331  3.617  -19.495 -0.993 11 A_DC11:DG14_B A 11 ? B 14 ? 19 1 
1 A DG 12 1_555 B DC 1  1_555 -0.597 -0.576 0.609  12.437 13.174  -1.251 12 A_DG12:DC13_B A 12 ? B 13 ? 19 1 
# 
loop_
_ndb_struct_na_base_pair_step.model_number 
_ndb_struct_na_base_pair_step.i_label_asym_id_1 
_ndb_struct_na_base_pair_step.i_label_comp_id_1 
_ndb_struct_na_base_pair_step.i_label_seq_id_1 
_ndb_struct_na_base_pair_step.i_symmetry_1 
_ndb_struct_na_base_pair_step.j_label_asym_id_1 
_ndb_struct_na_base_pair_step.j_label_comp_id_1 
_ndb_struct_na_base_pair_step.j_label_seq_id_1 
_ndb_struct_na_base_pair_step.j_symmetry_1 
_ndb_struct_na_base_pair_step.i_label_asym_id_2 
_ndb_struct_na_base_pair_step.i_label_comp_id_2 
_ndb_struct_na_base_pair_step.i_label_seq_id_2 
_ndb_struct_na_base_pair_step.i_symmetry_2 
_ndb_struct_na_base_pair_step.j_label_asym_id_2 
_ndb_struct_na_base_pair_step.j_label_comp_id_2 
_ndb_struct_na_base_pair_step.j_label_seq_id_2 
_ndb_struct_na_base_pair_step.j_symmetry_2 
_ndb_struct_na_base_pair_step.shift 
_ndb_struct_na_base_pair_step.slide 
_ndb_struct_na_base_pair_step.rise 
_ndb_struct_na_base_pair_step.tilt 
_ndb_struct_na_base_pair_step.roll 
_ndb_struct_na_base_pair_step.twist 
_ndb_struct_na_base_pair_step.x_displacement 
_ndb_struct_na_base_pair_step.y_displacement 
_ndb_struct_na_base_pair_step.helical_rise 
_ndb_struct_na_base_pair_step.inclination 
_ndb_struct_na_base_pair_step.tip 
_ndb_struct_na_base_pair_step.helical_twist 
_ndb_struct_na_base_pair_step.step_number 
_ndb_struct_na_base_pair_step.step_name 
_ndb_struct_na_base_pair_step.i_auth_asym_id_1 
_ndb_struct_na_base_pair_step.i_auth_seq_id_1 
_ndb_struct_na_base_pair_step.i_PDB_ins_code_1 
_ndb_struct_na_base_pair_step.j_auth_asym_id_1 
_ndb_struct_na_base_pair_step.j_auth_seq_id_1 
_ndb_struct_na_base_pair_step.j_PDB_ins_code_1 
_ndb_struct_na_base_pair_step.i_auth_asym_id_2 
_ndb_struct_na_base_pair_step.i_auth_seq_id_2 
_ndb_struct_na_base_pair_step.i_PDB_ins_code_2 
_ndb_struct_na_base_pair_step.j_auth_asym_id_2 
_ndb_struct_na_base_pair_step.j_auth_seq_id_2 
_ndb_struct_na_base_pair_step.j_PDB_ins_code_2 
1 A DC 1  1_555 B DG 12 1_555 A DG 2  1_555 B DC 11 1_555 -0.224 0.452  3.433 1.256  6.349   29.759 -0.488 0.693  3.441 12.182  
-2.410 30.439 1  AA_DC1DG2:DC23DG24_BB   A 1  ? B 24 ? A 2  ? B 23 ? 
1 A DG 2  1_555 B DC 11 1_555 A DC 3  1_555 B DG 10 1_555 0.362  0.593  3.383 1.973  -3.290  38.782 1.298  -0.297 3.337 -4.939  
-2.962 38.964 2  AA_DG2DC3:DG22DC23_BB   A 2  ? B 23 ? A 3  ? B 22 ? 
1 A DC 3  1_555 B DG 10 1_555 A DG 4  1_555 B DC 9  1_555 0.328  0.802  3.103 2.050  4.224   33.642 0.720  -0.245 3.191 7.255   
-3.520 33.959 3  AA_DC3DG4:DC21DG22_BB   A 3  ? B 22 ? A 4  ? B 21 ? 
1 A DG 4  1_555 B DC 9  1_555 A DA 5  1_555 B DT 8  1_555 -0.016 0.056  3.190 -1.787 2.718   38.421 -0.244 -0.191 3.184 4.121   
2.709  38.553 4  AA_DG4DA5:DT20DC21_BB   A 4  ? B 21 ? A 5  ? B 20 ? 
1 A DA 5  1_555 B DT 8  1_555 A DA 6  1_555 B DT 7  1_555 -0.350 -0.670 3.512 -2.933 7.156   34.633 -2.211 0.120  3.330 11.838  
4.852  35.460 5  AA_DA5DA6:DT19DT20_BB   A 5  ? B 20 ? A 6  ? B 19 ? 
1 A DA 6  1_555 B DT 7  1_555 A DT 7  1_555 B DA 6  1_555 -0.134 -0.985 3.421 -3.386 -1.374  32.614 -1.495 -0.376 3.455 -2.437  
6.005  32.812 6  AA_DA6DT7:DA18DT19_BB   A 6  ? B 19 ? A 7  ? B 18 ? 
1 A DT 7  1_555 B DA 6  1_555 A DT 8  1_555 B DA 5  1_555 -0.650 -0.113 3.394 2.163  -1.904  35.183 0.105  1.403  3.351 -3.143  
-3.572 35.297 7  AA_DT7DT8:DA17DA18_BB   A 7  ? B 18 ? A 8  ? B 17 ? 
1 A DT 8  1_555 B DA 5  1_555 A DC 9  1_555 B DG 4  1_555 0.045  -0.009 3.475 1.874  -6.158  38.645 0.771  0.171  3.435 -9.227  
-2.808 39.157 8  AA_DT8DC9:DG16DA17_BB   A 8  ? B 17 ? A 9  ? B 16 ? 
1 A DC 9  1_555 B DG 4  1_555 A DG 10 1_555 B DC 3  1_555 0.325  1.349  3.286 1.064  5.950   32.189 1.322  -0.386 3.482 10.615  
-1.897 32.737 9  AA_DC9DG10:DC15DG16_BB  A 9  ? B 16 ? A 10 ? B 15 ? 
1 A DG 10 1_555 B DC 3  1_555 A DC 11 1_555 B DG 2  1_555 -0.865 0.851  3.248 -6.658 -8.982  40.024 2.146  0.520  3.094 -12.823 
9.505  41.495 10 AA_DG10DC11:DG14DC15_BB A 10 ? B 15 ? A 11 ? B 14 ? 
1 A DC 11 1_555 B DG 2  1_555 A DG 12 1_555 B DC 1  1_555 1.185  0.773  3.484 0.834  -15.825 36.488 3.036  -1.647 2.940 -23.935 
-1.261 39.673 11 AA_DC11DG12:DC13DG14_BB A 11 ? B 14 ? A 12 ? B 13 ? 
# 
_pdbx_initial_refinement_model.accession_code   9BNA 
_pdbx_initial_refinement_model.id               1 
_pdbx_initial_refinement_model.entity_id_list   ? 
_pdbx_initial_refinement_model.type             'experimental model' 
_pdbx_initial_refinement_model.source_name      PDB 
_pdbx_initial_refinement_model.details          BDL020 
# 
_atom_sites.entry_id                    328D 
_atom_sites.fract_transf_matrix[1][1]   -0.02129123 
_atom_sites.fract_transf_matrix[1][2]   0.02042029 
_atom_sites.fract_transf_matrix[1][3]   -0.02806367 
_atom_sites.fract_transf_matrix[2][1]   -0.00936244 
_atom_sites.fract_transf_matrix[2][2]   0.01469629 
_atom_sites.fract_transf_matrix[2][3]   0.01779669 
_atom_sites.fract_transf_matrix[3][1]   0.01164757 
_atom_sites.fract_transf_matrix[3][2]   0.00963305 
_atom_sites.fract_transf_matrix[3][3]   -0.00182733 
_atom_sites.fract_transf_vector[1]      0.580488 
_atom_sites.fract_transf_vector[2]      0.529395 
_atom_sites.fract_transf_vector[3]      0.134963 
# 
loop_
_atom_type.symbol 
C 
N 
O 
P 
# 
loop_
_atom_site.group_PDB 
_atom_site.id 
_atom_site.type_symbol 
_atom_site.label_atom_id 
_atom_site.label_alt_id 
_atom_site.label_comp_id 
_atom_site.label_asym_id 
_atom_site.label_entity_id 
_atom_site.label_seq_id 
_atom_site.pdbx_PDB_ins_code 
_atom_site.Cartn_x 
_atom_site.Cartn_y 
_atom_site.Cartn_z 
_atom_site.occupancy 
_atom_site.B_iso_or_equiv 
_atom_site.pdbx_formal_charge 
_atom_site.auth_seq_id 
_atom_site.auth_comp_id 
_atom_site.auth_asym_id 
_atom_site.auth_atom_id 
_atom_site.pdbx_PDB_model_num 
ATOM   1   O "O5'" . DC  A 1 1  ? 6.503   19.355  3.987   1.00 20.89 ? 1   DC  A "O5'" 1 
ATOM   2   C "C5'" . DC  A 1 1  ? 5.086   19.609  3.776   1.00 22.19 ? 1   DC  A "C5'" 1 
ATOM   3   C "C4'" . DC  A 1 1  ? 4.729   19.388  2.345   1.00 23.19 ? 1   DC  A "C4'" 1 
ATOM   4   O "O4'" . DC  A 1 1  ? 5.776   18.632  1.739   1.00 22.06 ? 1   DC  A "O4'" 1 
ATOM   5   C "C3'" . DC  A 1 1  ? 3.470   18.559  2.178   1.00 27.78 ? 1   DC  A "C3'" 1 
ATOM   6   O "O3'" . DC  A 1 1  ? 2.825   19.019  0.944   1.00 35.53 ? 1   DC  A "O3'" 1 
ATOM   7   C "C2'" . DC  A 1 1  ? 3.907   17.108  2.039   1.00 19.22 ? 1   DC  A "C2'" 1 
ATOM   8   C "C1'" . DC  A 1 1  ? 5.291   17.309  1.394   1.00 22.02 ? 1   DC  A "C1'" 1 
ATOM   9   N N1    . DC  A 1 1  ? 6.388   16.354  1.817   1.00 21.45 ? 1   DC  A N1    1 
ATOM   10  C C2    . DC  A 1 1  ? 7.334   15.990  0.853   1.00 18.43 ? 1   DC  A C2    1 
ATOM   11  O O2    . DC  A 1 1  ? 7.182   16.315  -0.302  1.00 15.87 ? 1   DC  A O2    1 
ATOM   12  N N3    . DC  A 1 1  ? 8.393   15.225  1.215   1.00 16.36 ? 1   DC  A N3    1 
ATOM   13  C C4    . DC  A 1 1  ? 8.532   14.822  2.486   1.00 21.73 ? 1   DC  A C4    1 
ATOM   14  N N4    . DC  A 1 1  ? 9.606   14.101  2.838   1.00 23.85 ? 1   DC  A N4    1 
ATOM   15  C C5    . DC  A 1 1  ? 7.563   15.166  3.499   1.00 20.64 ? 1   DC  A C5    1 
ATOM   16  C C6    . DC  A 1 1  ? 6.505   15.950  3.098   1.00 17.74 ? 1   DC  A C6    1 
ATOM   17  P P     . DG  A 1 2  ? 1.443   18.376  0.400   1.00 38.44 ? 2   DG  A P     1 
ATOM   18  O OP1   . DG  A 1 2  ? 0.628   19.446  -0.269  1.00 32.86 ? 2   DG  A OP1   1 
ATOM   19  O OP2   . DG  A 1 2  ? 0.787   17.628  1.488   1.00 43.58 ? 2   DG  A OP2   1 
ATOM   20  O "O5'" . DG  A 1 2  ? 1.985   17.305  -0.689  1.00 39.22 ? 2   DG  A "O5'" 1 
ATOM   21  C "C5'" . DG  A 1 2  ? 2.058   17.667  -2.099  1.00 26.55 ? 2   DG  A "C5'" 1 
ATOM   22  C "C4'" . DG  A 1 2  ? 2.364   16.456  -2.972  1.00 19.88 ? 2   DG  A "C4'" 1 
ATOM   23  O "O4'" . DG  A 1 2  ? 3.529   15.759  -2.533  1.00 17.71 ? 2   DG  A "O4'" 1 
ATOM   24  C "C3'" . DG  A 1 2  ? 1.260   15.442  -2.943  1.00 17.19 ? 2   DG  A "C3'" 1 
ATOM   25  O "O3'" . DG  A 1 2  ? 1.146   14.998  -4.211  1.00 20.05 ? 2   DG  A "O3'" 1 
ATOM   26  C "C2'" . DG  A 1 2  ? 1.737   14.279  -2.090  1.00 10.73 ? 2   DG  A "C2'" 1 
ATOM   27  C "C1'" . DG  A 1 2  ? 3.216   14.378  -2.357  1.00 11.22 ? 2   DG  A "C1'" 1 
ATOM   28  N N9    . DG  A 1 2  ? 4.071   13.840  -1.268  1.00 13.15 ? 2   DG  A N9    1 
ATOM   29  C C8    . DG  A 1 2  ? 3.784   13.734  0.057   1.00 15.55 ? 2   DG  A C8    1 
ATOM   30  N N7    . DG  A 1 2  ? 4.741   13.175  0.759   1.00 16.37 ? 2   DG  A N7    1 
ATOM   31  C C5    . DG  A 1 2  ? 5.722   12.892  -0.157  1.00 11.04 ? 2   DG  A C5    1 
ATOM   32  C C6    . DG  A 1 2  ? 6.952   12.226  0.022   1.00 13.88 ? 2   DG  A C6    1 
ATOM   33  O O6    . DG  A 1 2  ? 7.454   11.830  1.083   1.00 14.98 ? 2   DG  A O6    1 
ATOM   34  N N1    . DG  A 1 2  ? 7.640   12.063  -1.209  1.00 15.06 ? 2   DG  A N1    1 
ATOM   35  C C2    . DG  A 1 2  ? 7.165   12.482  -2.432  1.00 14.46 ? 2   DG  A C2    1 
ATOM   36  N N2    . DG  A 1 2  ? 7.923   12.269  -3.460  1.00 9.71  ? 2   DG  A N2    1 
ATOM   37  N N3    . DG  A 1 2  ? 6.017   13.115  -2.593  1.00 16.04 ? 2   DG  A N3    1 
ATOM   38  C C4    . DG  A 1 2  ? 5.337   13.290  -1.414  1.00 14.47 ? 2   DG  A C4    1 
ATOM   39  P P     . DC  A 1 3  ? -0.206  14.682  -4.798  1.00 27.54 ? 3   DC  A P     1 
ATOM   40  O OP1   . DC  A 1 3  ? -0.629  15.854  -5.654  1.00 21.08 ? 3   DC  A OP1   1 
ATOM   41  O OP2   . DC  A 1 3  ? -1.146  14.225  -3.719  1.00 26.29 ? 3   DC  A OP2   1 
ATOM   42  O "O5'" . DC  A 1 3  ? 0.178   13.377  -5.724  1.00 28.03 ? 3   DC  A "O5'" 1 
ATOM   43  C "C5'" . DC  A 1 3  ? 1.308   13.451  -6.673  1.00 24.35 ? 3   DC  A "C5'" 1 
ATOM   44  C "C4'" . DC  A 1 3  ? 2.291   12.222  -6.585  1.00 21.40 ? 3   DC  A "C4'" 1 
ATOM   45  O "O4'" . DC  A 1 3  ? 2.976   12.157  -5.350  1.00 16.45 ? 3   DC  A "O4'" 1 
ATOM   46  C "C3'" . DC  A 1 3  ? 1.617   10.916  -6.724  1.00 19.38 ? 3   DC  A "C3'" 1 
ATOM   47  O "O3'" . DC  A 1 3  ? 1.704   10.515  -8.064  1.00 24.80 ? 3   DC  A "O3'" 1 
ATOM   48  C "C2'" . DC  A 1 3  ? 2.368   9.930   -5.871  1.00 15.28 ? 3   DC  A "C2'" 1 
ATOM   49  C "C1'" . DC  A 1 3  ? 3.372   10.801  -5.164  1.00 10.75 ? 3   DC  A "C1'" 1 
ATOM   50  N N1    . DC  A 1 3  ? 3.409   10.564  -3.763  1.00 12.27 ? 3   DC  A N1    1 
ATOM   51  C C2    . DC  A 1 3  ? 4.543   10.017  -3.235  1.00 16.57 ? 3   DC  A C2    1 
ATOM   52  O O2    . DC  A 1 3  ? 5.503   9.770   -3.952  1.00 19.99 ? 3   DC  A O2    1 
ATOM   53  N N3    . DC  A 1 3  ? 4.571   9.765   -1.904  1.00 17.77 ? 3   DC  A N3    1 
ATOM   54  C C4    . DC  A 1 3  ? 3.506   10.058  -1.133  1.00 21.82 ? 3   DC  A C4    1 
ATOM   55  N N4    . DC  A 1 3  ? 3.530   9.744   0.183   1.00 27.40 ? 3   DC  A N4    1 
ATOM   56  C C5    . DC  A 1 3  ? 2.332   10.634  -1.691  1.00 16.53 ? 3   DC  A C5    1 
ATOM   57  C C6    . DC  A 1 3  ? 2.346   10.867  -3.007  1.00 13.34 ? 3   DC  A C6    1 
ATOM   58  P P     . DG  A 1 4  ? 0.896   9.244   -8.517  1.00 32.26 ? 4   DG  A P     1 
ATOM   59  O OP1   . DG  A 1 4  ? 0.600   9.313   -9.989  1.00 28.83 ? 4   DG  A OP1   1 
ATOM   60  O OP2   . DG  A 1 4  ? -0.288  9.072   -7.600  1.00 27.30 ? 4   DG  A OP2   1 
ATOM   61  O "O5'" . DG  A 1 4  ? 1.951   8.117   -8.257  1.00 26.23 ? 4   DG  A "O5'" 1 
ATOM   62  C "C5'" . DG  A 1 4  ? 3.190   8.189   -8.952  1.00 24.62 ? 4   DG  A "C5'" 1 
ATOM   63  C "C4'" . DG  A 1 4  ? 4.082   7.131   -8.454  1.00 21.74 ? 4   DG  A "C4'" 1 
ATOM   64  O "O4'" . DG  A 1 4  ? 4.198   7.222   -7.043  1.00 22.83 ? 4   DG  A "O4'" 1 
ATOM   65  C "C3'" . DG  A 1 4  ? 3.502   5.780   -8.754  1.00 24.53 ? 4   DG  A "C3'" 1 
ATOM   66  O "O3'" . DG  A 1 4  ? 4.579   4.940   -9.214  1.00 31.88 ? 4   DG  A "O3'" 1 
ATOM   67  C "C2'" . DG  A 1 4  ? 2.913   5.230   -7.463  1.00 20.86 ? 4   DG  A "C2'" 1 
ATOM   68  C "C1'" . DG  A 1 4  ? 3.737   5.991   -6.442  1.00 23.09 ? 4   DG  A "C1'" 1 
ATOM   69  N N9    . DG  A 1 4  ? 3.017   6.318   -5.144  1.00 19.21 ? 4   DG  A N9    1 
ATOM   70  C C8    . DG  A 1 4  ? 1.749   6.827   -4.941  1.00 18.94 ? 4   DG  A C8    1 
ATOM   71  N N7    . DG  A 1 4  ? 1.443   7.016   -3.660  1.00 20.63 ? 4   DG  A N7    1 
ATOM   72  C C5    . DG  A 1 4  ? 2.614   6.591   -2.978  1.00 19.68 ? 4   DG  A C5    1 
ATOM   73  C C6    . DG  A 1 4  ? 2.968   6.668   -1.581  1.00 18.99 ? 4   DG  A C6    1 
ATOM   74  O O6    . DG  A 1 4  ? 2.266   6.990   -0.616  1.00 18.22 ? 4   DG  A O6    1 
ATOM   75  N N1    . DG  A 1 4  ? 4.276   6.286   -1.371  1.00 16.91 ? 4   DG  A N1    1 
ATOM   76  C C2    . DG  A 1 4  ? 5.138   5.868   -2.330  1.00 20.73 ? 4   DG  A C2    1 
ATOM   77  N N2    . DG  A 1 4  ? 6.370   5.535   -1.927  1.00 15.37 ? 4   DG  A N2    1 
ATOM   78  N N3    . DG  A 1 4  ? 4.829   5.790   -3.621  1.00 19.02 ? 4   DG  A N3    1 
ATOM   79  C C4    . DG  A 1 4  ? 3.566   6.167   -3.878  1.00 19.05 ? 4   DG  A C4    1 
ATOM   80  P P     . DA  A 1 5  ? 4.316   3.423   -9.705  1.00 36.38 ? 5   DA  A P     1 
ATOM   81  O OP1   . DA  A 1 5  ? 4.917   3.271   -11.042 1.00 38.03 ? 5   DA  A OP1   1 
ATOM   82  O OP2   . DA  A 1 5  ? 2.849   3.080   -9.578  1.00 30.53 ? 5   DA  A OP2   1 
ATOM   83  O "O5'" . DA  A 1 5  ? 5.166   2.580   -8.615  1.00 31.95 ? 5   DA  A "O5'" 1 
ATOM   84  C "C5'" . DA  A 1 5  ? 6.478   3.064   -8.207  1.00 29.58 ? 5   DA  A "C5'" 1 
ATOM   85  C "C4'" . DA  A 1 5  ? 6.983   2.302   -7.007  1.00 26.81 ? 5   DA  A "C4'" 1 
ATOM   86  O "O4'" . DA  A 1 5  ? 6.303   2.733   -5.803  1.00 27.10 ? 5   DA  A "O4'" 1 
ATOM   87  C "C3'" . DA  A 1 5  ? 6.678   0.851   -7.155  1.00 27.11 ? 5   DA  A "C3'" 1 
ATOM   88  O "O3'" . DA  A 1 5  ? 7.732   0.123   -6.569  1.00 32.46 ? 5   DA  A "O3'" 1 
ATOM   89  C "C2'" . DA  A 1 5  ? 5.423   0.591   -6.392  1.00 28.26 ? 5   DA  A "C2'" 1 
ATOM   90  C "C1'" . DA  A 1 5  ? 5.561   1.609   -5.274  1.00 26.50 ? 5   DA  A "C1'" 1 
ATOM   91  N N9    . DA  A 1 5  ? 4.242   2.112   -4.764  1.00 23.63 ? 5   DA  A N9    1 
ATOM   92  C C8    . DA  A 1 5  ? 3.140   2.503   -5.480  1.00 23.64 ? 5   DA  A C8    1 
ATOM   93  N N7    . DA  A 1 5  ? 2.153   2.930   -4.741  1.00 24.03 ? 5   DA  A N7    1 
ATOM   94  C C5    . DA  A 1 5  ? 2.640   2.810   -3.442  1.00 21.95 ? 5   DA  A C5    1 
ATOM   95  C C6    . DA  A 1 5  ? 2.172   3.307   -2.206  1.00 20.73 ? 5   DA  A C6    1 
ATOM   96  N N6    . DA  A 1 5  ? 0.995   3.893   -2.057  1.00 23.13 ? 5   DA  A N6    1 
ATOM   97  N N1    . DA  A 1 5  ? 2.988   3.223   -1.154  1.00 21.40 ? 5   DA  A N1    1 
ATOM   98  C C2    . DA  A 1 5  ? 4.182   2.690   -1.308  1.00 24.42 ? 5   DA  A C2    1 
ATOM   99  N N3    . DA  A 1 5  ? 4.760   2.206   -2.392  1.00 25.98 ? 5   DA  A N3    1 
ATOM   100 C C4    . DA  A 1 5  ? 3.916   2.308   -3.447  1.00 23.21 ? 5   DA  A C4    1 
ATOM   101 P P     . DA  A 1 6  ? 7.643   -1.458  -6.514  1.00 33.97 ? 6   DA  A P     1 
ATOM   102 O OP1   . DA  A 1 6  ? 8.947   -2.024  -6.860  1.00 32.94 ? 6   DA  A OP1   1 
ATOM   103 O OP2   . DA  A 1 6  ? 6.484   -1.945  -7.321  1.00 33.22 ? 6   DA  A OP2   1 
ATOM   104 O "O5'" . DA  A 1 6  ? 7.372   -1.708  -4.977  1.00 32.96 ? 6   DA  A "O5'" 1 
ATOM   105 C "C5'" . DA  A 1 6  ? 8.467   -1.535  -4.052  1.00 32.42 ? 6   DA  A "C5'" 1 
ATOM   106 C "C4'" . DA  A 1 6  ? 8.014   -1.908  -2.656  1.00 31.99 ? 6   DA  A "C4'" 1 
ATOM   107 O "O4'" . DA  A 1 6  ? 6.845   -1.145  -2.305  1.00 32.58 ? 6   DA  A "O4'" 1 
ATOM   108 C "C3'" . DA  A 1 6  ? 7.605   -3.380  -2.590  1.00 28.72 ? 6   DA  A "C3'" 1 
ATOM   109 O "O3'" . DA  A 1 6  ? 8.148   -3.941  -1.380  1.00 17.00 ? 6   DA  A "O3'" 1 
ATOM   110 C "C2'" . DA  A 1 6  ? 6.086   -3.421  -2.542  1.00 31.06 ? 6   DA  A "C2'" 1 
ATOM   111 C "C1'" . DA  A 1 6  ? 5.804   -2.066  -1.890  1.00 31.70 ? 6   DA  A "C1'" 1 
ATOM   112 N N9    . DA  A 1 6  ? 4.513   -1.468  -2.261  1.00 28.33 ? 6   DA  A N9    1 
ATOM   113 C C8    . DA  A 1 6  ? 4.036   -1.185  -3.500  1.00 28.52 ? 6   DA  A C8    1 
ATOM   114 N N7    . DA  A 1 6  ? 2.869   -0.600  -3.486  1.00 31.22 ? 6   DA  A N7    1 
ATOM   115 C C5    . DA  A 1 6  ? 2.558   -0.499  -2.144  1.00 28.75 ? 6   DA  A C5    1 
ATOM   116 C C6    . DA  A 1 6  ? 1.482   0.103   -1.447  1.00 26.52 ? 6   DA  A C6    1 
ATOM   117 N N6    . DA  A 1 6  ? 0.435   0.675   -2.058  1.00 22.87 ? 6   DA  A N6    1 
ATOM   118 N N1    . DA  A 1 6  ? 1.533   0.091   -0.122  1.00 24.04 ? 6   DA  A N1    1 
ATOM   119 C C2    . DA  A 1 6  ? 2.577   -0.475  0.473   1.00 25.68 ? 6   DA  A C2    1 
ATOM   120 N N3    . DA  A 1 6  ? 3.644   -1.057  -0.059  1.00 27.10 ? 6   DA  A N3    1 
ATOM   121 C C4    . DA  A 1 6  ? 3.564   -1.023  -1.385  1.00 27.97 ? 6   DA  A C4    1 
ATOM   122 P P     . DT  A 1 7  ? 7.906   -5.481  -1.008  1.00 17.68 ? 7   DT  A P     1 
ATOM   123 O OP1   . DT  A 1 7  ? 9.045   -5.946  -0.229  1.00 19.63 ? 7   DT  A OP1   1 
ATOM   124 O OP2   . DT  A 1 7  ? 7.547   -6.261  -2.208  1.00 12.84 ? 7   DT  A OP2   1 
ATOM   125 O "O5'" . DT  A 1 7  ? 6.681   -5.405  -0.101  1.00 17.32 ? 7   DT  A "O5'" 1 
ATOM   126 C "C5'" . DT  A 1 7  ? 6.792   -4.649  1.113   1.00 16.36 ? 7   DT  A "C5'" 1 
ATOM   127 C "C4'" . DT  A 1 7  ? 5.450   -4.510  1.709   1.00 9.23  ? 7   DT  A "C4'" 1 
ATOM   128 O "O4'" . DT  A 1 7  ? 4.551   -4.006  0.763   1.00 11.21 ? 7   DT  A "O4'" 1 
ATOM   129 C "C3'" . DT  A 1 7  ? 4.888   -5.836  2.091   1.00 4.58  ? 7   DT  A "C3'" 1 
ATOM   130 O "O3'" . DT  A 1 7  ? 4.956   -5.908  3.451   1.00 15.20 ? 7   DT  A "O3'" 1 
ATOM   131 C "C2'" . DT  A 1 7  ? 3.451   -5.852  1.632   1.00 7.15  ? 7   DT  A "C2'" 1 
ATOM   132 C "C1'" . DT  A 1 7  ? 3.318   -4.408  1.197   1.00 12.34 ? 7   DT  A "C1'" 1 
ATOM   133 N N1    . DT  A 1 7  ? 2.356   -4.106  0.124   1.00 15.34 ? 7   DT  A N1    1 
ATOM   134 C C2    . DT  A 1 7  ? 1.148   -3.511  0.504   1.00 18.66 ? 7   DT  A C2    1 
ATOM   135 O O2    . DT  A 1 7  ? 0.866   -3.296  1.691   1.00 19.58 ? 7   DT  A O2    1 
ATOM   136 N N3    . DT  A 1 7  ? 0.302   -3.156  -0.510  1.00 12.44 ? 7   DT  A N3    1 
ATOM   137 C C4    . DT  A 1 7  ? 0.530   -3.307  -1.809  1.00 15.28 ? 7   DT  A C4    1 
ATOM   138 O O4    . DT  A 1 7  ? -0.255  -2.884  -2.622  1.00 20.34 ? 7   DT  A O4    1 
ATOM   139 C C5    . DT  A 1 7  ? 1.785   -3.931  -2.120  1.00 16.36 ? 7   DT  A C5    1 
ATOM   140 C C7    . DT  A 1 7  ? 2.048   -4.137  -3.568  1.00 20.24 ? 7   DT  A C7    1 
ATOM   141 C C6    . DT  A 1 7  ? 2.654   -4.299  -1.159  1.00 13.47 ? 7   DT  A C6    1 
ATOM   142 P P     . DT  A 1 8  ? 4.888   -7.276  4.195   1.00 22.02 ? 8   DT  A P     1 
ATOM   143 O OP1   . DT  A 1 8  ? 5.780   -7.269  5.374   1.00 18.04 ? 8   DT  A OP1   1 
ATOM   144 O OP2   . DT  A 1 8  ? 5.102   -8.342  3.254   1.00 30.40 ? 8   DT  A OP2   1 
ATOM   145 O "O5'" . DT  A 1 8  ? 3.393   -7.284  4.647   1.00 25.20 ? 8   DT  A "O5'" 1 
ATOM   146 C "C5'" . DT  A 1 8  ? 3.040   -6.638  5.883   1.00 24.12 ? 8   DT  A "C5'" 1 
ATOM   147 C "C4'" . DT  A 1 8  ? 1.556   -6.388  5.916   1.00 22.96 ? 8   DT  A "C4'" 1 
ATOM   148 O "O4'" . DT  A 1 8  ? 1.079   -5.944  4.641   1.00 23.47 ? 8   DT  A "O4'" 1 
ATOM   149 C "C3'" . DT  A 1 8  ? 0.799   -7.648  6.224   1.00 22.81 ? 8   DT  A "C3'" 1 
ATOM   150 O "O3'" . DT  A 1 8  ? 0.169   -7.474  7.531   1.00 30.05 ? 8   DT  A "O3'" 1 
ATOM   151 C "C2'" . DT  A 1 8  ? -0.266  -7.831  5.126   1.00 20.93 ? 8   DT  A "C2'" 1 
ATOM   152 C "C1'" . DT  A 1 8  ? -0.251  -6.460  4.480   1.00 18.91 ? 8   DT  A "C1'" 1 
ATOM   153 N N1    . DT  A 1 8  ? -0.569  -6.443  3.032   1.00 20.61 ? 8   DT  A N1    1 
ATOM   154 C C2    . DT  A 1 8  ? -1.735  -5.751  2.604   1.00 26.77 ? 8   DT  A C2    1 
ATOM   155 O O2    . DT  A 1 8  ? -2.537  -5.224  3.397   1.00 33.08 ? 8   DT  A O2    1 
ATOM   156 N N3    . DT  A 1 8  ? -1.948  -5.715  1.243   1.00 26.12 ? 8   DT  A N3    1 
ATOM   157 C C4    . DT  A 1 8  ? -1.135  -6.291  0.268   1.00 25.20 ? 8   DT  A C4    1 
ATOM   158 O O4    . DT  A 1 8  ? -1.396  -6.140  -0.937  1.00 22.51 ? 8   DT  A O4    1 
ATOM   159 C C5    . DT  A 1 8  ? 0.029   -7.000  0.799   1.00 19.95 ? 8   DT  A C5    1 
ATOM   160 C C7    . DT  A 1 8  ? 0.906   -7.684  -0.195  1.00 22.32 ? 8   DT  A C7    1 
ATOM   161 C C6    . DT  A 1 8  ? 0.270   -7.043  2.126   1.00 22.11 ? 8   DT  A C6    1 
ATOM   162 P P     . DC  A 1 9  ? -0.866  -8.556  8.102   1.00 29.34 ? 9   DC  A P     1 
ATOM   163 O OP1   . DC  A 1 9  ? -0.934  -8.449  9.551   1.00 28.41 ? 9   DC  A OP1   1 
ATOM   164 O OP2   . DC  A 1 9  ? -0.558  -9.918  7.570   1.00 29.59 ? 9   DC  A OP2   1 
ATOM   165 O "O5'" . DC  A 1 9  ? -2.188  -8.043  7.463   1.00 26.79 ? 9   DC  A "O5'" 1 
ATOM   166 C "C5'" . DC  A 1 9  ? -2.660  -6.762  7.816   1.00 28.09 ? 9   DC  A "C5'" 1 
ATOM   167 C "C4'" . DC  A 1 9  ? -4.037  -6.638  7.313   1.00 32.73 ? 9   DC  A "C4'" 1 
ATOM   168 O "O4'" . DC  A 1 9  ? -4.019  -6.621  5.880   1.00 32.28 ? 9   DC  A "O4'" 1 
ATOM   169 C "C3'" . DC  A 1 9  ? -4.866  -7.850  7.716   1.00 33.62 ? 9   DC  A "C3'" 1 
ATOM   170 O "O3'" . DC  A 1 9  ? -6.053  -7.405  8.434   1.00 37.08 ? 9   DC  A "O3'" 1 
ATOM   171 C "C2'" . DC  A 1 9  ? -5.265  -8.570  6.459   1.00 29.70 ? 9   DC  A "C2'" 1 
ATOM   172 C "C1'" . DC  A 1 9  ? -5.036  -7.487  5.420   1.00 28.52 ? 9   DC  A "C1'" 1 
ATOM   173 N N1    . DC  A 1 9  ? -4.612  -7.986  4.132   1.00 27.45 ? 9   DC  A N1    1 
ATOM   174 C C2    . DC  A 1 9  ? -5.279  -7.506  3.035   1.00 29.23 ? 9   DC  A C2    1 
ATOM   175 O O2    . DC  A 1 9  ? -6.175  -6.688  3.169   1.00 32.82 ? 9   DC  A O2    1 
ATOM   176 N N3    . DC  A 1 9  ? -4.939  -7.971  1.825   1.00 29.23 ? 9   DC  A N3    1 
ATOM   177 C C4    . DC  A 1 9  ? -3.967  -8.880  1.691   1.00 32.58 ? 9   DC  A C4    1 
ATOM   178 N N4    . DC  A 1 9  ? -3.655  -9.295  0.471   1.00 30.01 ? 9   DC  A N4    1 
ATOM   179 C C5    . DC  A 1 9  ? -3.259  -9.401  2.838   1.00 29.10 ? 9   DC  A C5    1 
ATOM   180 C C6    . DC  A 1 9  ? -3.624  -8.907  4.031   1.00 26.40 ? 9   DC  A C6    1 
ATOM   181 P P     . DG  A 1 10 ? -6.710  -8.380  9.529   1.00 39.29 ? 10  DG  A P     1 
ATOM   182 O OP1   . DG  A 1 10 ? -6.441  -7.843  10.886  1.00 36.76 ? 10  DG  A OP1   1 
ATOM   183 O OP2   . DG  A 1 10 ? -6.265  -9.781  9.279   1.00 40.85 ? 10  DG  A OP2   1 
ATOM   184 O "O5'" . DG  A 1 10 ? -8.261  -8.270  9.178   1.00 35.70 ? 10  DG  A "O5'" 1 
ATOM   185 C "C5'" . DG  A 1 10 ? -8.773  -7.047  8.598   1.00 35.86 ? 10  DG  A "C5'" 1 
ATOM   186 C "C4'" . DG  A 1 10 ? -9.636  -7.365  7.405   1.00 38.21 ? 10  DG  A "C4'" 1 
ATOM   187 O "O4'" . DG  A 1 10 ? -8.833  -7.899  6.341   1.00 44.84 ? 10  DG  A "O4'" 1 
ATOM   188 C "C3'" . DG  A 1 10 ? -10.692 -8.453  7.709   1.00 38.22 ? 10  DG  A "C3'" 1 
ATOM   189 O "O3'" . DG  A 1 10 ? -11.937 -8.007  7.153   1.00 41.34 ? 10  DG  A "O3'" 1 
ATOM   190 C "C2'" . DG  A 1 10 ? -10.248 -9.728  6.964   1.00 38.35 ? 10  DG  A "C2'" 1 
ATOM   191 C "C1'" . DG  A 1 10 ? -9.508  -9.081  5.811   1.00 37.08 ? 10  DG  A "C1'" 1 
ATOM   192 N N9    . DG  A 1 10 ? -8.481  -9.940  5.125   1.00 30.85 ? 10  DG  A N9    1 
ATOM   193 C C8    . DG  A 1 10 ? -7.492  -10.722 5.658   1.00 29.46 ? 10  DG  A C8    1 
ATOM   194 N N7    . DG  A 1 10 ? -6.720  -11.276 4.754   1.00 27.35 ? 10  DG  A N7    1 
ATOM   195 C C5    . DG  A 1 10 ? -7.260  -10.834 3.539   1.00 27.91 ? 10  DG  A C5    1 
ATOM   196 C C6    . DG  A 1 10 ? -6.786  -10.994 2.189   1.00 29.73 ? 10  DG  A C6    1 
ATOM   197 O O6    . DG  A 1 10 ? -5.871  -11.726 1.755   1.00 32.03 ? 10  DG  A O6    1 
ATOM   198 N N1    . DG  A 1 10 ? -7.530  -10.228 1.302   1.00 26.25 ? 10  DG  A N1    1 
ATOM   199 C C2    . DG  A 1 10 ? -8.579  -9.447  1.634   1.00 22.83 ? 10  DG  A C2    1 
ATOM   200 N N2    . DG  A 1 10 ? -9.150  -8.774  0.645   1.00 19.06 ? 10  DG  A N2    1 
ATOM   201 N N3    . DG  A 1 10 ? -9.023  -9.293  2.862   1.00 28.36 ? 10  DG  A N3    1 
ATOM   202 C C4    . DG  A 1 10 ? -8.323  -10.009 3.768   1.00 28.50 ? 10  DG  A C4    1 
ATOM   203 P P     . DC  A 1 11 ? -13.343 -8.494  7.747   1.00 41.24 ? 11  DC  A P     1 
ATOM   204 O OP1   . DC  A 1 11 ? -13.659 -7.704  8.939   1.00 43.32 ? 11  DC  A OP1   1 
ATOM   205 O OP2   . DC  A 1 11 ? -13.351 -9.956  7.906   1.00 39.64 ? 11  DC  A OP2   1 
ATOM   206 O "O5'" . DC  A 1 11 ? -14.308 -8.066  6.570   1.00 33.41 ? 11  DC  A "O5'" 1 
ATOM   207 C "C5'" . DC  A 1 11 ? -14.082 -6.752  6.017   1.00 33.47 ? 11  DC  A "C5'" 1 
ATOM   208 C "C4'" . DC  A 1 11 ? -14.097 -6.805  4.528   1.00 34.06 ? 11  DC  A "C4'" 1 
ATOM   209 O "O4'" . DC  A 1 11 ? -13.112 -7.729  4.009   1.00 33.60 ? 11  DC  A "O4'" 1 
ATOM   210 C "C3'" . DC  A 1 11 ? -15.421 -7.265  4.041   1.00 33.70 ? 11  DC  A "C3'" 1 
ATOM   211 O "O3'" . DC  A 1 11 ? -15.763 -6.367  3.006   1.00 38.71 ? 11  DC  A "O3'" 1 
ATOM   212 C "C2'" . DC  A 1 11 ? -15.252 -8.711  3.525   1.00 32.27 ? 11  DC  A "C2'" 1 
ATOM   213 C "C1'" . DC  A 1 11 ? -13.776 -8.692  3.138   1.00 32.32 ? 11  DC  A "C1'" 1 
ATOM   214 N N1    . DC  A 1 11 ? -13.041 -9.980  3.304   1.00 28.57 ? 11  DC  A N1    1 
ATOM   215 C C2    . DC  A 1 11 ? -12.342 -10.473 2.212   1.00 24.90 ? 11  DC  A C2    1 
ATOM   216 O O2    . DC  A 1 11 ? -12.565 -10.057 1.107   1.00 24.70 ? 11  DC  A O2    1 
ATOM   217 N N3    . DC  A 1 11 ? -11.483 -11.479 2.405   1.00 22.86 ? 11  DC  A N3    1 
ATOM   218 C C4    . DC  A 1 11 ? -11.301 -12.013 3.617   1.00 26.83 ? 11  DC  A C4    1 
ATOM   219 N N4    . DC  A 1 11 ? -10.400 -12.988 3.767   1.00 30.02 ? 11  DC  A N4    1 
ATOM   220 C C5    . DC  A 1 11 ? -12.027 -11.556 4.740   1.00 27.07 ? 11  DC  A C5    1 
ATOM   221 C C6    . DC  A 1 11 ? -12.883 -10.529 4.531   1.00 31.69 ? 11  DC  A C6    1 
ATOM   222 P P     . DG  A 1 12 ? -17.055 -6.562  2.173   1.00 47.46 ? 12  DG  A P     1 
ATOM   223 O OP1   . DG  A 1 12 ? -17.314 -5.335  1.360   1.00 46.57 ? 12  DG  A OP1   1 
ATOM   224 O OP2   . DG  A 1 12 ? -18.147 -6.986  3.070   1.00 49.38 ? 12  DG  A OP2   1 
ATOM   225 O "O5'" . DG  A 1 12 ? -16.630 -7.805  1.251   1.00 50.45 ? 12  DG  A "O5'" 1 
ATOM   226 C "C5'" . DG  A 1 12 ? -16.274 -7.627  -0.140  1.00 48.21 ? 12  DG  A "C5'" 1 
ATOM   227 C "C4'" . DG  A 1 12 ? -16.546 -8.916  -0.899  1.00 44.81 ? 12  DG  A "C4'" 1 
ATOM   228 O "O4'" . DG  A 1 12 ? -15.736 -10.022 -0.394  1.00 43.96 ? 12  DG  A "O4'" 1 
ATOM   229 C "C3'" . DG  A 1 12 ? -17.980 -9.335  -0.718  1.00 42.70 ? 12  DG  A "C3'" 1 
ATOM   230 O "O3'" . DG  A 1 12 ? -18.654 -9.419  -1.956  1.00 46.55 ? 12  DG  A "O3'" 1 
ATOM   231 C "C2'" . DG  A 1 12 ? -17.996 -10.707 -0.037  1.00 39.28 ? 12  DG  A "C2'" 1 
ATOM   232 C "C1'" . DG  A 1 12 ? -16.593 -11.200 -0.322  1.00 37.14 ? 12  DG  A "C1'" 1 
ATOM   233 N N9    . DG  A 1 12 ? -16.042 -12.113 0.726   1.00 33.60 ? 12  DG  A N9    1 
ATOM   234 C C8    . DG  A 1 12 ? -16.343 -12.155 2.041   1.00 33.89 ? 12  DG  A C8    1 
ATOM   235 N N7    . DG  A 1 12 ? -15.640 -13.034 2.721   1.00 31.73 ? 12  DG  A N7    1 
ATOM   236 C C5    . DG  A 1 12 ? -14.804 -13.633 1.772   1.00 27.61 ? 12  DG  A C5    1 
ATOM   237 C C6    . DG  A 1 12 ? -13.722 -14.552 1.950   1.00 24.80 ? 12  DG  A C6    1 
ATOM   238 O O6    . DG  A 1 12 ? -13.361 -15.133 2.980   1.00 25.62 ? 12  DG  A O6    1 
ATOM   239 N N1    . DG  A 1 12 ? -13.042 -14.764 0.785   1.00 19.60 ? 12  DG  A N1    1 
ATOM   240 C C2    . DG  A 1 12 ? -13.328 -14.212 -0.389  1.00 23.53 ? 12  DG  A C2    1 
ATOM   241 N N2    . DG  A 1 12 ? -12.562 -14.559 -1.379  1.00 25.19 ? 12  DG  A N2    1 
ATOM   242 N N3    . DG  A 1 12 ? -14.321 -13.335 -0.590  1.00 29.33 ? 12  DG  A N3    1 
ATOM   243 C C4    . DG  A 1 12 ? -15.027 -13.092 0.546   1.00 31.09 ? 12  DG  A C4    1 
ATOM   244 O "O5'" . DC  B 1 1  ? -9.093  -21.509 0.005   1.00 64.09 ? 13  DC  B "O5'" 1 
ATOM   245 C "C5'" . DC  B 1 1  ? -8.075  -21.432 -1.064  1.00 58.32 ? 13  DC  B "C5'" 1 
ATOM   246 C "C4'" . DC  B 1 1  ? -8.358  -20.235 -1.985  1.00 54.34 ? 13  DC  B "C4'" 1 
ATOM   247 O "O4'" . DC  B 1 1  ? -9.464  -19.466 -1.457  1.00 54.58 ? 13  DC  B "O4'" 1 
ATOM   248 C "C3'" . DC  B 1 1  ? -7.170  -19.269 -2.051  1.00 52.25 ? 13  DC  B "C3'" 1 
ATOM   249 O "O3'" . DC  B 1 1  ? -7.175  -18.609 -3.368  1.00 53.34 ? 13  DC  B "O3'" 1 
ATOM   250 C "C2'" . DC  B 1 1  ? -7.434  -18.221 -0.971  1.00 53.20 ? 13  DC  B "C2'" 1 
ATOM   251 C "C1'" . DC  B 1 1  ? -8.971  -18.161 -1.021  1.00 50.74 ? 13  DC  B "C1'" 1 
ATOM   252 N N1    . DC  B 1 1  ? -9.649  -17.850 0.275   1.00 47.58 ? 13  DC  B N1    1 
ATOM   253 C C2    . DC  B 1 1  ? -10.428 -16.704 0.335   1.00 43.09 ? 13  DC  B C2    1 
ATOM   254 O O2    . DC  B 1 1  ? -10.453 -15.915 -0.600  1.00 42.82 ? 13  DC  B O2    1 
ATOM   255 N N3    . DC  B 1 1  ? -11.140 -16.463 1.457   1.00 38.37 ? 13  DC  B N3    1 
ATOM   256 C C4    . DC  B 1 1  ? -11.110 -17.309 2.469   1.00 39.26 ? 13  DC  B C4    1 
ATOM   257 N N4    . DC  B 1 1  ? -11.876 -17.069 3.513   1.00 40.81 ? 13  DC  B N4    1 
ATOM   258 C C5    . DC  B 1 1  ? -10.302 -18.483 2.440   1.00 41.83 ? 13  DC  B C5    1 
ATOM   259 C C6    . DC  B 1 1  ? -9.598  -18.713 1.311   1.00 43.51 ? 13  DC  B C6    1 
ATOM   260 P P     . DG  B 1 2  ? -5.813  -18.429 -4.266  1.00 51.15 ? 14  DG  B P     1 
ATOM   261 O OP1   . DG  B 1 2  ? -5.670  -19.597 -5.163  1.00 54.46 ? 14  DG  B OP1   1 
ATOM   262 O OP2   . DG  B 1 2  ? -4.636  -18.146 -3.400  1.00 49.18 ? 14  DG  B OP2   1 
ATOM   263 O "O5'" . DG  B 1 2  ? -6.170  -17.104 -5.156  1.00 46.04 ? 14  DG  B "O5'" 1 
ATOM   264 C "C5'" . DG  B 1 2  ? -7.217  -17.172 -6.179  1.00 35.18 ? 14  DG  B "C5'" 1 
ATOM   265 C "C4'" . DG  B 1 2  ? -8.032  -15.873 -6.217  1.00 32.44 ? 14  DG  B "C4'" 1 
ATOM   266 O "O4'" . DG  B 1 2  ? -8.599  -15.628 -4.942  1.00 29.99 ? 14  DG  B "O4'" 1 
ATOM   267 C "C3'" . DG  B 1 2  ? -7.175  -14.680 -6.529  1.00 32.14 ? 14  DG  B "C3'" 1 
ATOM   268 O "O3'" . DG  B 1 2  ? -7.852  -13.872 -7.480  1.00 34.80 ? 14  DG  B "O3'" 1 
ATOM   269 C "C2'" . DG  B 1 2  ? -7.029  -13.873 -5.269  1.00 34.47 ? 14  DG  B "C2'" 1 
ATOM   270 C "C1'" . DG  B 1 2  ? -8.275  -14.283 -4.526  1.00 29.50 ? 14  DG  B "C1'" 1 
ATOM   271 N N9    . DG  B 1 2  ? -8.078  -14.299 -3.075  1.00 29.75 ? 14  DG  B N9    1 
ATOM   272 C C8    . DG  B 1 2  ? -7.142  -14.988 -2.385  1.00 28.03 ? 14  DG  B C8    1 
ATOM   273 N N7    . DG  B 1 2  ? -7.141  -14.762 -1.108  1.00 31.52 ? 14  DG  B N7    1 
ATOM   274 C C5    . DG  B 1 2  ? -8.164  -13.844 -0.917  1.00 30.78 ? 14  DG  B C5    1 
ATOM   275 C C6    . DG  B 1 2  ? -8.724  -13.361 0.294   1.00 30.29 ? 14  DG  B C6    1 
ATOM   276 O O6    . DG  B 1 2  ? -8.306  -13.537 1.459   1.00 28.92 ? 14  DG  B O6    1 
ATOM   277 N N1    . DG  B 1 2  ? -9.870  -12.604 0.051   1.00 25.68 ? 14  DG  B N1    1 
ATOM   278 C C2    . DG  B 1 2  ? -10.390 -12.345 -1.173  1.00 27.06 ? 14  DG  B C2    1 
ATOM   279 N N2    . DG  B 1 2  ? -11.468 -11.578 -1.215  1.00 27.55 ? 14  DG  B N2    1 
ATOM   280 N N3    . DG  B 1 2  ? -9.874  -12.802 -2.310  1.00 31.49 ? 14  DG  B N3    1 
ATOM   281 C C4    . DG  B 1 2  ? -8.761  -13.546 -2.115  1.00 31.69 ? 14  DG  B C4    1 
ATOM   282 P P     . DC  B 1 3  ? -7.001  -12.893 -8.391  1.00 38.21 ? 15  DC  B P     1 
ATOM   283 O OP1   . DC  B 1 3  ? -7.261  -13.232 -9.802  1.00 40.96 ? 15  DC  B OP1   1 
ATOM   284 O OP2   . DC  B 1 3  ? -5.574  -12.898 -7.946  1.00 37.21 ? 15  DC  B OP2   1 
ATOM   285 O "O5'" . DC  B 1 3  ? -7.614  -11.492 -8.077  1.00 31.32 ? 15  DC  B "O5'" 1 
ATOM   286 C "C5'" . DC  B 1 3  ? -8.992  -11.403 -7.802  1.00 23.53 ? 15  DC  B "C5'" 1 
ATOM   287 C "C4'" . DC  B 1 3  ? -9.208  -10.369 -6.753  1.00 20.94 ? 15  DC  B "C4'" 1 
ATOM   288 O "O4'" . DC  B 1 3  ? -8.778  -10.838 -5.500  1.00 21.77 ? 15  DC  B "O4'" 1 
ATOM   289 C "C3'" . DC  B 1 3  ? -8.420  -9.118  -7.021  1.00 18.57 ? 15  DC  B "C3'" 1 
ATOM   290 O "O3'" . DC  B 1 3  ? -9.314  -8.169  -7.537  1.00 20.29 ? 15  DC  B "O3'" 1 
ATOM   291 C "C2'" . DC  B 1 3  ? -7.859  -8.628  -5.688  1.00 16.60 ? 15  DC  B "C2'" 1 
ATOM   292 C "C1'" . DC  B 1 3  ? -8.407  -9.689  -4.725  1.00 19.67 ? 15  DC  B "C1'" 1 
ATOM   293 N N1    . DC  B 1 3  ? -7.454  -10.154 -3.694  1.00 17.89 ? 15  DC  B N1    1 
ATOM   294 C C2    . DC  B 1 3  ? -7.851  -10.081 -2.363  1.00 17.93 ? 15  DC  B C2    1 
ATOM   295 O O2    . DC  B 1 3  ? -8.936  -9.632  -2.062  1.00 18.01 ? 15  DC  B O2    1 
ATOM   296 N N3    . DC  B 1 3  ? -7.023  -10.539 -1.429  1.00 19.89 ? 15  DC  B N3    1 
ATOM   297 C C4    . DC  B 1 3  ? -5.850  -11.065 -1.754  1.00 22.88 ? 15  DC  B C4    1 
ATOM   298 N N4    . DC  B 1 3  ? -5.111  -11.574 -0.800  1.00 26.67 ? 15  DC  B N4    1 
ATOM   299 C C5    . DC  B 1 3  ? -5.416  -11.141 -3.108  1.00 21.39 ? 15  DC  B C5    1 
ATOM   300 C C6    . DC  B 1 3  ? -6.268  -10.673 -4.040  1.00 17.66 ? 15  DC  B C6    1 
ATOM   301 P P     . DG  B 1 4  ? -8.780  -6.860  -8.237  1.00 26.53 ? 16  DG  B P     1 
ATOM   302 O OP1   . DG  B 1 4  ? -9.595  -6.630  -9.473  1.00 27.28 ? 16  DG  B OP1   1 
ATOM   303 O OP2   . DG  B 1 4  ? -7.316  -6.935  -8.399  1.00 18.65 ? 16  DG  B OP2   1 
ATOM   304 O "O5'" . DG  B 1 4  ? -9.104  -5.722  -7.156  1.00 30.96 ? 16  DG  B "O5'" 1 
ATOM   305 C "C5'" . DG  B 1 4  ? -10.485 -5.328  -6.855  1.00 29.87 ? 16  DG  B "C5'" 1 
ATOM   306 C "C4'" . DG  B 1 4  ? -10.505 -4.689  -5.484  1.00 27.12 ? 16  DG  B "C4'" 1 
ATOM   307 O "O4'" . DG  B 1 4  ? -9.743  -5.502  -4.562  1.00 29.45 ? 16  DG  B "O4'" 1 
ATOM   308 C "C3'" . DG  B 1 4  ? -9.823  -3.335  -5.506  1.00 29.71 ? 16  DG  B "C3'" 1 
ATOM   309 O "O3'" . DG  B 1 4  ? -10.694 -2.375  -4.837  1.00 30.83 ? 16  DG  B "O3'" 1 
ATOM   310 C "C2'" . DG  B 1 4  ? -8.491  -3.471  -4.761  1.00 27.50 ? 16  DG  B "C2'" 1 
ATOM   311 C "C1'" . DG  B 1 4  ? -8.772  -4.683  -3.895  1.00 24.26 ? 16  DG  B "C1'" 1 
ATOM   312 N N9    . DG  B 1 4  ? -7.592  -5.522  -3.621  1.00 17.65 ? 16  DG  B N9    1 
ATOM   313 C C8    . DG  B 1 4  ? -6.584  -5.851  -4.441  1.00 18.82 ? 16  DG  B C8    1 
ATOM   314 N N7    . DG  B 1 4  ? -5.693  -6.630  -3.898  1.00 20.14 ? 16  DG  B N7    1 
ATOM   315 C C5    . DG  B 1 4  ? -6.157  -6.821  -2.615  1.00 15.46 ? 16  DG  B C5    1 
ATOM   316 C C6    . DG  B 1 4  ? -5.484  -7.342  -1.501  1.00 15.44 ? 16  DG  B C6    1 
ATOM   317 O O6    . DG  B 1 4  ? -4.464  -7.967  -1.477  1.00 16.94 ? 16  DG  B O6    1 
ATOM   318 N N1    . DG  B 1 4  ? -6.142  -7.067  -0.329  1.00 15.99 ? 16  DG  B N1    1 
ATOM   319 C C2    . DG  B 1 4  ? -7.278  -6.369  -0.235  1.00 20.34 ? 16  DG  B C2    1 
ATOM   320 N N2    . DG  B 1 4  ? -7.761  -6.210  0.966   1.00 27.42 ? 16  DG  B N2    1 
ATOM   321 N N3    . DG  B 1 4  ? -7.937  -5.877  -1.270  1.00 21.48 ? 16  DG  B N3    1 
ATOM   322 C C4    . DG  B 1 4  ? -7.324  -6.141  -2.439  1.00 18.93 ? 16  DG  B C4    1 
ATOM   323 P P     . DA  B 1 5  ? -10.235 -0.854  -4.588  1.00 31.88 ? 17  DA  B P     1 
ATOM   324 O OP1   . DA  B 1 5  ? -11.390 0.060   -4.825  1.00 31.19 ? 17  DA  B OP1   1 
ATOM   325 O OP2   . DA  B 1 5  ? -8.943  -0.540  -5.355  1.00 33.91 ? 17  DA  B OP2   1 
ATOM   326 O "O5'" . DA  B 1 5  ? -9.919  -0.903  -3.018  1.00 28.34 ? 17  DA  B "O5'" 1 
ATOM   327 C "C5'" . DA  B 1 5  ? -10.901 -1.518  -2.179  1.00 25.42 ? 17  DA  B "C5'" 1 
ATOM   328 C "C4'" . DA  B 1 5  ? -10.518 -1.396  -0.765  1.00 23.32 ? 17  DA  B "C4'" 1 
ATOM   329 O "O4'" . DA  B 1 5  ? -9.540  -2.345  -0.439  1.00 19.09 ? 17  DA  B "O4'" 1 
ATOM   330 C "C3'" . DA  B 1 5  ? -9.926  -0.047  -0.493  1.00 26.94 ? 17  DA  B "C3'" 1 
ATOM   331 O "O3'" . DA  B 1 5  ? -10.416 0.419   0.781   1.00 35.00 ? 17  DA  B "O3'" 1 
ATOM   332 C "C2'" . DA  B 1 5  ? -8.470  -0.224  -0.408  1.00 24.83 ? 17  DA  B "C2'" 1 
ATOM   333 C "C1'" . DA  B 1 5  ? -8.351  -1.673  -0.044  1.00 15.44 ? 17  DA  B "C1'" 1 
ATOM   334 N N9    . DA  B 1 5  ? -7.267  -2.278  -0.730  1.00 16.58 ? 17  DA  B N9    1 
ATOM   335 C C8    . DA  B 1 5  ? -6.890  -2.095  -2.047  1.00 13.79 ? 17  DA  B C8    1 
ATOM   336 N N7    . DA  B 1 5  ? -5.774  -2.691  -2.350  1.00 16.96 ? 17  DA  B N7    1 
ATOM   337 C C5    . DA  B 1 5  ? -5.396  -3.311  -1.145  1.00 14.60 ? 17  DA  B C5    1 
ATOM   338 C C6    . DA  B 1 5  ? -4.271  -4.074  -0.780  1.00 15.79 ? 17  DA  B C6    1 
ATOM   339 N N6    . DA  B 1 5  ? -3.296  -4.383  -1.625  1.00 18.61 ? 17  DA  B N6    1 
ATOM   340 N N1    . DA  B 1 5  ? -4.195  -4.501  0.476   1.00 16.74 ? 17  DA  B N1    1 
ATOM   341 C C2    . DA  B 1 5  ? -5.180  -4.169  1.315   1.00 21.53 ? 17  DA  B C2    1 
ATOM   342 N N3    . DA  B 1 5  ? -6.288  -3.463  1.098   1.00 14.43 ? 17  DA  B N3    1 
ATOM   343 C C4    . DA  B 1 5  ? -6.317  -3.065  -0.163  1.00 12.33 ? 17  DA  B C4    1 
ATOM   344 P P     . DA  B 1 6  ? -10.059 1.863   1.316   1.00 32.07 ? 18  DA  B P     1 
ATOM   345 O OP1   . DA  B 1 6  ? -11.265 2.450   1.881   1.00 35.45 ? 18  DA  B OP1   1 
ATOM   346 O OP2   . DA  B 1 6  ? -9.379  2.665   0.273   1.00 32.77 ? 18  DA  B OP2   1 
ATOM   347 O "O5'" . DA  B 1 6  ? -9.050  1.492   2.466   1.00 21.07 ? 18  DA  B "O5'" 1 
ATOM   348 C "C5'" . DA  B 1 6  ? -9.411  0.426   3.351   1.00 22.73 ? 18  DA  B "C5'" 1 
ATOM   349 C "C4'" . DA  B 1 6  ? -8.200  -0.008  4.090   1.00 21.93 ? 18  DA  B "C4'" 1 
ATOM   350 O "O4'" . DA  B 1 6  ? -7.243  -0.606  3.191   1.00 22.09 ? 18  DA  B "O4'" 1 
ATOM   351 C "C3'" . DA  B 1 6  ? -7.499  1.169   4.699   1.00 23.70 ? 18  DA  B "C3'" 1 
ATOM   352 O "O3'" . DA  B 1 6  ? -6.955  0.748   5.922   1.00 35.25 ? 18  DA  B "O3'" 1 
ATOM   353 C "C2'" . DA  B 1 6  ? -6.380  1.531   3.761   1.00 23.28 ? 18  DA  B "C2'" 1 
ATOM   354 C "C1'" . DA  B 1 6  ? -6.017  0.142   3.277   1.00 17.04 ? 18  DA  B "C1'" 1 
ATOM   355 N N9    . DA  B 1 6  ? -5.324  0.122   1.956   1.00 11.89 ? 18  DA  B N9    1 
ATOM   356 C C8    . DA  B 1 6  ? -5.628  0.794   0.792   1.00 7.17  ? 18  DA  B C8    1 
ATOM   357 N N7    . DA  B 1 6  ? -4.807  0.555   -0.181  1.00 6.00  ? 18  DA  B N7    1 
ATOM   358 C C5    . DA  B 1 6  ? -3.894  -0.334  0.383   1.00 11.30 ? 18  DA  B C5    1 
ATOM   359 C C6    . DA  B 1 6  ? -2.701  -0.885  -0.088  1.00 18.43 ? 18  DA  B C6    1 
ATOM   360 N N6    . DA  B 1 6  ? -2.297  -0.751  -1.361  1.00 27.01 ? 18  DA  B N6    1 
ATOM   361 N N1    . DA  B 1 6  ? -1.947  -1.614  0.784   1.00 18.59 ? 18  DA  B N1    1 
ATOM   362 C C2    . DA  B 1 6  ? -2.370  -1.771  2.027   1.00 14.40 ? 18  DA  B C2    1 
ATOM   363 N N3    . DA  B 1 6  ? -3.473  -1.324  2.590   1.00 13.92 ? 18  DA  B N3    1 
ATOM   364 C C4    . DA  B 1 6  ? -4.203  -0.601  1.683   1.00 11.11 ? 18  DA  B C4    1 
ATOM   365 P P     . DT  B 1 7  ? -6.387  1.804   6.955   1.00 40.24 ? 19  DT  B P     1 
ATOM   366 O OP1   . DT  B 1 7  ? -6.628  1.285   8.341   1.00 40.80 ? 19  DT  B OP1   1 
ATOM   367 O OP2   . DT  B 1 7  ? -6.913  3.152   6.622   1.00 36.16 ? 19  DT  B OP2   1 
ATOM   368 O "O5'" . DT  B 1 7  ? -4.845  1.752   6.659   1.00 35.58 ? 19  DT  B "O5'" 1 
ATOM   369 C "C5'" . DT  B 1 7  ? -4.055  0.875   7.482   1.00 30.55 ? 19  DT  B "C5'" 1 
ATOM   370 C "C4'" . DT  B 1 7  ? -2.703  0.725   6.877   1.00 31.54 ? 19  DT  B "C4'" 1 
ATOM   371 O "O4'" . DT  B 1 7  ? -2.790  0.751   5.441   1.00 24.84 ? 19  DT  B "O4'" 1 
ATOM   372 C "C3'" . DT  B 1 7  ? -1.790  1.909   7.242   1.00 29.29 ? 19  DT  B "C3'" 1 
ATOM   373 O "O3'" . DT  B 1 7  ? -0.794  1.459   8.205   1.00 30.96 ? 19  DT  B "O3'" 1 
ATOM   374 C "C2'" . DT  B 1 7  ? -1.108  2.338   5.959   1.00 26.61 ? 19  DT  B "C2'" 1 
ATOM   375 C "C1'" . DT  B 1 7  ? -1.532  1.193   5.026   1.00 23.01 ? 19  DT  B "C1'" 1 
ATOM   376 N N1    . DT  B 1 7  ? -1.603  1.554   3.606   1.00 23.44 ? 19  DT  B N1    1 
ATOM   377 C C2    . DT  B 1 7  ? -0.604  1.019   2.803   1.00 26.41 ? 19  DT  B C2    1 
ATOM   378 O O2    . DT  B 1 7  ? 0.205   0.176   3.245   1.00 31.04 ? 19  DT  B O2    1 
ATOM   379 N N3    . DT  B 1 7  ? -0.605  1.419   1.473   1.00 26.02 ? 19  DT  B N3    1 
ATOM   380 C C4    . DT  B 1 7  ? -1.499  2.295   0.878   1.00 25.81 ? 19  DT  B C4    1 
ATOM   381 O O4    . DT  B 1 7  ? -1.414  2.557   -0.342  1.00 28.07 ? 19  DT  B O4    1 
ATOM   382 C C5    . DT  B 1 7  ? -2.516  2.826   1.800   1.00 19.91 ? 19  DT  B C5    1 
ATOM   383 C C7    . DT  B 1 7  ? -3.520  3.756   1.204   1.00 11.59 ? 19  DT  B C7    1 
ATOM   384 C C6    . DT  B 1 7  ? -2.544  2.438   3.110   1.00 16.99 ? 19  DT  B C6    1 
ATOM   385 P P     . DT  B 1 8  ? 0.321   2.486   8.805   1.00 32.07 ? 20  DT  B P     1 
ATOM   386 O OP1   . DT  B 1 8  ? 0.852   1.961   10.108  1.00 31.09 ? 20  DT  B OP1   1 
ATOM   387 O OP2   . DT  B 1 8  ? -0.158  3.896   8.786   1.00 29.32 ? 20  DT  B OP2   1 
ATOM   388 O "O5'" . DT  B 1 8  ? 1.403   2.341   7.761   1.00 31.57 ? 20  DT  B "O5'" 1 
ATOM   389 C "C5'" . DT  B 1 8  ? 2.228   1.207   7.864   1.00 28.04 ? 20  DT  B "C5'" 1 
ATOM   390 C "C4'" . DT  B 1 8  ? 3.198   1.239   6.745   1.00 27.15 ? 20  DT  B "C4'" 1 
ATOM   391 O "O4'" . DT  B 1 8  ? 2.585   1.622   5.521   1.00 22.83 ? 20  DT  B "O4'" 1 
ATOM   392 C "C3'" . DT  B 1 8  ? 4.242   2.232   7.000   1.00 21.60 ? 20  DT  B "C3'" 1 
ATOM   393 O "O3'" . DT  B 1 8  ? 5.387   1.503   7.299   1.00 24.64 ? 20  DT  B "O3'" 1 
ATOM   394 C "C2'" . DT  B 1 8  ? 4.427   3.037   5.709   1.00 18.28 ? 20  DT  B "C2'" 1 
ATOM   395 C "C1'" . DT  B 1 8  ? 3.565   2.244   4.764   1.00 18.70 ? 20  DT  B "C1'" 1 
ATOM   396 N N1    . DT  B 1 8  ? 2.878   3.020   3.759   1.00 19.61 ? 20  DT  B N1    1 
ATOM   397 C C2    . DT  B 1 8  ? 3.362   2.956   2.507   1.00 21.77 ? 20  DT  B C2    1 
ATOM   398 O O2    . DT  B 1 8  ? 4.420   2.383   2.250   1.00 25.63 ? 20  DT  B O2    1 
ATOM   399 N N3    . DT  B 1 8  ? 2.657   3.634   1.563   1.00 22.22 ? 20  DT  B N3    1 
ATOM   400 C C4    . DT  B 1 8  ? 1.529   4.358   1.763   1.00 22.82 ? 20  DT  B C4    1 
ATOM   401 O O4    . DT  B 1 8  ? 0.970   4.942   0.817   1.00 23.74 ? 20  DT  B O4    1 
ATOM   402 C C5    . DT  B 1 8  ? 1.101   4.372   3.124   1.00 21.39 ? 20  DT  B C5    1 
ATOM   403 C C7    . DT  B 1 8  ? -0.123  5.169   3.429   1.00 24.19 ? 20  DT  B C7    1 
ATOM   404 C C6    . DT  B 1 8  ? 1.772   3.711   4.054   1.00 20.99 ? 20  DT  B C6    1 
ATOM   405 P P     . DC  B 1 9  ? 6.617   2.226   7.861   1.00 30.47 ? 21  DC  B P     1 
ATOM   406 O OP1   . DC  B 1 9  ? 7.507   1.238   8.575   1.00 32.87 ? 21  DC  B OP1   1 
ATOM   407 O OP2   . DC  B 1 9  ? 6.162   3.406   8.646   1.00 38.87 ? 21  DC  B OP2   1 
ATOM   408 O "O5'" . DC  B 1 9  ? 7.326   2.703   6.516   1.00 30.92 ? 21  DC  B "O5'" 1 
ATOM   409 C "C5'" . DC  B 1 9  ? 7.827   1.663   5.626   1.00 27.99 ? 21  DC  B "C5'" 1 
ATOM   410 C "C4'" . DC  B 1 9  ? 8.273   2.246   4.321   1.00 22.85 ? 21  DC  B "C4'" 1 
ATOM   411 O "O4'" . DC  B 1 9  ? 7.200   2.848   3.631   1.00 20.84 ? 21  DC  B "O4'" 1 
ATOM   412 C "C3'" . DC  B 1 9  ? 9.288   3.319   4.525   1.00 22.14 ? 21  DC  B "C3'" 1 
ATOM   413 O "O3'" . DC  B 1 9  ? 10.505  2.825   4.045   1.00 27.39 ? 21  DC  B "O3'" 1 
ATOM   414 C "C2'" . DC  B 1 9  ? 8.864   4.529   3.714   1.00 17.41 ? 21  DC  B "C2'" 1 
ATOM   415 C "C1'" . DC  B 1 9  ? 7.759   3.942   2.895   1.00 19.12 ? 21  DC  B "C1'" 1 
ATOM   416 N N1    . DC  B 1 9  ? 6.664   4.839   2.609   1.00 19.34 ? 21  DC  B N1    1 
ATOM   417 C C2    . DC  B 1 9  ? 6.404   5.131   1.276   1.00 19.61 ? 21  DC  B C2    1 
ATOM   418 O O2    . DC  B 1 9  ? 7.207   4.799   0.389   1.00 21.95 ? 21  DC  B O2    1 
ATOM   419 N N3    . DC  B 1 9  ? 5.275   5.824   0.982   1.00 21.45 ? 21  DC  B N3    1 
ATOM   420 C C4    . DC  B 1 9  ? 4.435   6.240   1.949   1.00 20.88 ? 21  DC  B C4    1 
ATOM   421 N N4    . DC  B 1 9  ? 3.320   6.866   1.601   1.00 17.13 ? 21  DC  B N4    1 
ATOM   422 C C5    . DC  B 1 9  ? 4.710   5.974   3.337   1.00 19.59 ? 21  DC  B C5    1 
ATOM   423 C C6    . DC  B 1 9  ? 5.843   5.267   3.605   1.00 18.68 ? 21  DC  B C6    1 
ATOM   424 P P     . DG  B 1 10 ? 11.849  3.372   4.630   1.00 32.28 ? 22  DG  B P     1 
ATOM   425 O OP1   . DG  B 1 10 ? 12.755  2.243   4.940   1.00 30.59 ? 22  DG  B OP1   1 
ATOM   426 O OP2   . DG  B 1 10 ? 11.576  4.293   5.740   1.00 39.29 ? 22  DG  B OP2   1 
ATOM   427 O "O5'" . DG  B 1 10 ? 12.390  4.210   3.384   1.00 34.75 ? 22  DG  B "O5'" 1 
ATOM   428 C "C5'" . DG  B 1 10 ? 12.509  3.533   2.109   1.00 36.44 ? 22  DG  B "C5'" 1 
ATOM   429 C "C4'" . DG  B 1 10 ? 12.321  4.487   0.936   1.00 36.38 ? 22  DG  B "C4'" 1 
ATOM   430 O "O4'" . DG  B 1 10 ? 11.080  5.157   1.008   1.00 36.12 ? 22  DG  B "O4'" 1 
ATOM   431 C "C3'" . DG  B 1 10 ? 13.389  5.562   0.898   1.00 37.09 ? 22  DG  B "C3'" 1 
ATOM   432 O "O3'" . DG  B 1 10 ? 14.090  5.416   -0.353  1.00 38.92 ? 22  DG  B "O3'" 1 
ATOM   433 C "C2'" . DG  B 1 10 ? 12.662  6.911   0.949   1.00 35.54 ? 22  DG  B "C2'" 1 
ATOM   434 C "C1'" . DG  B 1 10 ? 11.272  6.496   0.511   1.00 32.27 ? 22  DG  B "C1'" 1 
ATOM   435 N N9    . DG  B 1 10 ? 10.178  7.298   1.055   1.00 30.46 ? 22  DG  B N9    1 
ATOM   436 C C8    . DG  B 1 10 ? 9.877   7.499   2.379   1.00 31.13 ? 22  DG  B C8    1 
ATOM   437 N N7    . DG  B 1 10 ? 8.724   8.063   2.583   1.00 32.76 ? 22  DG  B N7    1 
ATOM   438 C C5    . DG  B 1 10 ? 8.208   8.275   1.300   1.00 32.98 ? 22  DG  B C5    1 
ATOM   439 C C6    . DG  B 1 10 ? 6.937   8.811   0.886   1.00 33.76 ? 22  DG  B C6    1 
ATOM   440 O O6    . DG  B 1 10 ? 5.987   9.241   1.611   1.00 31.33 ? 22  DG  B O6    1 
ATOM   441 N N1    . DG  B 1 10 ? 6.813   8.796   -0.513  1.00 27.41 ? 22  DG  B N1    1 
ATOM   442 C C2    . DG  B 1 10 ? 7.744   8.352   -1.370  1.00 23.18 ? 22  DG  B C2    1 
ATOM   443 N N2    . DG  B 1 10 ? 7.466   8.491   -2.618  1.00 18.88 ? 22  DG  B N2    1 
ATOM   444 N N3    . DG  B 1 10 ? 8.935   7.823   -1.003  1.00 26.76 ? 22  DG  B N3    1 
ATOM   445 C C4    . DG  B 1 10 ? 9.100   7.813   0.345   1.00 29.18 ? 22  DG  B C4    1 
ATOM   446 P P     . DC  B 1 11 ? 15.395  6.280   -0.679  1.00 43.29 ? 23  DC  B P     1 
ATOM   447 O OP1   . DC  B 1 11 ? 16.566  5.370   -0.750  1.00 48.19 ? 23  DC  B OP1   1 
ATOM   448 O OP2   . DC  B 1 11 ? 15.500  7.412   0.286   1.00 41.17 ? 23  DC  B OP2   1 
ATOM   449 O "O5'" . DC  B 1 11 ? 15.039  6.843   -2.155  1.00 37.40 ? 23  DC  B "O5'" 1 
ATOM   450 C "C5'" . DC  B 1 11 ? 13.750  6.461   -2.741  1.00 35.08 ? 23  DC  B "C5'" 1 
ATOM   451 C "C4'" . DC  B 1 11 ? 13.332  7.397   -3.845  1.00 30.98 ? 23  DC  B "C4'" 1 
ATOM   452 O "O4'" . DC  B 1 11 ? 12.088  8.037   -3.538  1.00 28.29 ? 23  DC  B "O4'" 1 
ATOM   453 C "C3'" . DC  B 1 11 ? 14.344  8.468   -4.058  1.00 29.53 ? 23  DC  B "C3'" 1 
ATOM   454 O "O3'" . DC  B 1 11 ? 14.464  8.672   -5.453  1.00 37.57 ? 23  DC  B "O3'" 1 
ATOM   455 C "C2'" . DC  B 1 11 ? 13.832  9.726   -3.408  1.00 30.98 ? 23  DC  B "C2'" 1 
ATOM   456 C "C1'" . DC  B 1 11 ? 12.326  9.464   -3.323  1.00 28.75 ? 23  DC  B "C1'" 1 
ATOM   457 N N1    . DC  B 1 11 ? 11.717  9.887   -1.986  1.00 24.28 ? 23  DC  B N1    1 
ATOM   458 C C2    . DC  B 1 11 ? 10.488  10.485  -2.000  1.00 21.12 ? 23  DC  B C2    1 
ATOM   459 O O2    . DC  B 1 11 ? 9.918   10.642  -3.021  1.00 26.10 ? 23  DC  B O2    1 
ATOM   460 N N3    . DC  B 1 11 ? 9.960   10.897  -0.845  1.00 20.37 ? 23  DC  B N3    1 
ATOM   461 C C4    . DC  B 1 11 ? 10.598  10.728  0.305   1.00 23.30 ? 23  DC  B C4    1 
ATOM   462 N N4    . DC  B 1 11 ? 10.027  11.127  1.407   1.00 25.35 ? 23  DC  B N4    1 
ATOM   463 C C5    . DC  B 1 11 ? 11.871  10.118  0.356   1.00 23.32 ? 23  DC  B C5    1 
ATOM   464 C C6    . DC  B 1 11 ? 12.391  9.707   -0.819  1.00 25.21 ? 23  DC  B C6    1 
ATOM   465 P P     . DG  B 1 12 ? 15.512  9.680   -6.061  1.00 40.18 ? 24  DG  B P     1 
ATOM   466 O OP1   . DG  B 1 12 ? 15.984  9.137   -7.375  1.00 38.86 ? 24  DG  B OP1   1 
ATOM   467 O OP2   . DG  B 1 12 ? 16.594  9.989   -5.064  1.00 33.50 ? 24  DG  B OP2   1 
ATOM   468 O "O5'" . DG  B 1 12 ? 14.610  10.963  -6.288  1.00 33.39 ? 24  DG  B "O5'" 1 
ATOM   469 C "C5'" . DG  B 1 12 ? 14.037  11.220  -7.565  1.00 29.07 ? 24  DG  B "C5'" 1 
ATOM   470 C "C4'" . DG  B 1 12 ? 13.258  12.491  -7.479  1.00 32.28 ? 24  DG  B "C4'" 1 
ATOM   471 O "O4'" . DG  B 1 12 ? 12.433  12.475  -6.318  1.00 33.06 ? 24  DG  B "O4'" 1 
ATOM   472 C "C3'" . DG  B 1 12 ? 14.182  13.689  -7.317  1.00 33.39 ? 24  DG  B "C3'" 1 
ATOM   473 O "O3'" . DG  B 1 12 ? 14.384  14.404  -8.541  1.00 43.04 ? 24  DG  B "O3'" 1 
ATOM   474 C "C2'" . DG  B 1 12 ? 13.568  14.628  -6.316  1.00 32.45 ? 24  DG  B "C2'" 1 
ATOM   475 C "C1'" . DG  B 1 12 ? 12.410  13.816  -5.739  1.00 30.69 ? 24  DG  B "C1'" 1 
ATOM   476 N N9    . DG  B 1 12 ? 12.462  13.707  -4.233  1.00 25.92 ? 24  DG  B N9    1 
ATOM   477 C C8    . DG  B 1 12 ? 13.464  13.191  -3.437  1.00 23.16 ? 24  DG  B C8    1 
ATOM   478 N N7    . DG  B 1 12 ? 13.238  13.303  -2.172  1.00 19.60 ? 24  DG  B N7    1 
ATOM   479 C C5    . DG  B 1 12 ? 12.002  13.934  -2.113  1.00 20.97 ? 24  DG  B C5    1 
ATOM   480 C C6    . DG  B 1 12 ? 11.230  14.313  -0.980  1.00 21.19 ? 24  DG  B C6    1 
ATOM   481 O O6    . DG  B 1 12 ? 11.496  14.179  0.224   1.00 18.82 ? 24  DG  B O6    1 
ATOM   482 N N1    . DG  B 1 12 ? 10.045  14.918  -1.360  1.00 20.97 ? 24  DG  B N1    1 
ATOM   483 C C2    . DG  B 1 12 ? 9.657   15.132  -2.652  1.00 25.80 ? 24  DG  B C2    1 
ATOM   484 N N2    . DG  B 1 12 ? 8.520   15.775  -2.813  1.00 26.59 ? 24  DG  B N2    1 
ATOM   485 N N3    . DG  B 1 12 ? 10.372  14.770  -3.728  1.00 25.24 ? 24  DG  B N3    1 
ATOM   486 C C4    . DG  B 1 12 ? 11.526  14.179  -3.379  1.00 21.74 ? 24  DG  B C4    1 
HETATM 487 C C1    . SN7 C 2 .  ? 11.560  0.019   1.105   1.00 46.82 ? 25  SN7 A C1    1 
HETATM 488 C C2    . SN7 C 2 .  ? 10.579  0.594   0.231   1.00 43.59 ? 25  SN7 A C2    1 
HETATM 489 C C3    . SN7 C 2 .  ? 9.207   0.555   0.514   1.00 42.49 ? 25  SN7 A C3    1 
HETATM 490 C C4    . SN7 C 2 .  ? 8.809   -0.084  1.702   1.00 40.97 ? 25  SN7 A C4    1 
HETATM 491 C C5    . SN7 C 2 .  ? 9.802   -0.636  2.547   1.00 46.19 ? 25  SN7 A C5    1 
HETATM 492 C C6    . SN7 C 2 .  ? 11.171  -0.616  2.303   1.00 47.78 ? 25  SN7 A C6    1 
HETATM 493 N N7    . SN7 C 2 .  ? 8.222   1.091   -0.323  1.00 43.68 ? 25  SN7 A N7    1 
HETATM 494 C C8    . SN7 C 2 .  ? 6.876   0.990   0.030   1.00 41.40 ? 25  SN7 A C8    1 
HETATM 495 C C9    . SN7 C 2 .  ? 6.481   0.361   1.215   1.00 38.32 ? 25  SN7 A C9    1 
HETATM 496 C C10   . SN7 C 2 .  ? 7.430   -0.198  2.063   1.00 37.26 ? 25  SN7 A C10   1 
HETATM 497 N N11   . SN7 C 2 .  ? 7.054   -0.870  3.209   1.00 32.26 ? 25  SN7 A N11   1 
HETATM 498 C C12   . SN7 C 2 .  ? 5.862   -1.252  3.760   1.00 26.64 ? 25  SN7 A C12   1 
HETATM 499 C C13   . SN7 C 2 .  ? 4.604   -1.180  3.185   1.00 24.26 ? 25  SN7 A C13   1 
HETATM 500 C C14   . SN7 C 2 .  ? 3.497   -1.605  3.909   1.00 22.49 ? 25  SN7 A C14   1 
HETATM 501 C C15   . SN7 C 2 .  ? 3.658   -2.095  5.232   1.00 22.48 ? 25  SN7 A C15   1 
HETATM 502 C C16   . SN7 C 2 .  ? 4.954   -2.174  5.821   1.00 23.75 ? 25  SN7 A C16   1 
HETATM 503 C C17   . SN7 C 2 .  ? 6.010   -1.744  5.048   1.00 24.91 ? 25  SN7 A C17   1 
HETATM 504 C C18   . SN7 C 2 .  ? 2.500   -2.509  5.927   1.00 21.84 ? 25  SN7 A C18   1 
HETATM 505 O O19   . SN7 C 2 .  ? 2.527   -3.164  6.995   1.00 15.76 ? 25  SN7 A O19   1 
HETATM 506 N N20   . SN7 C 2 .  ? 1.346   -2.170  5.404   1.00 26.91 ? 25  SN7 A N20   1 
HETATM 507 C C21   . SN7 C 2 .  ? 0.181   -2.467  5.935   1.00 38.00 ? 25  SN7 A C21   1 
HETATM 508 C C22   . SN7 C 2 .  ? -0.830  -2.576  4.995   1.00 42.02 ? 25  SN7 A C22   1 
HETATM 509 C C23   . SN7 C 2 .  ? -2.115  -2.861  5.445   1.00 45.63 ? 25  SN7 A C23   1 
HETATM 510 C C24   . SN7 C 2 .  ? -2.436  -3.035  6.834   1.00 46.17 ? 25  SN7 A C24   1 
HETATM 511 C C25   . SN7 C 2 .  ? -1.391  -2.932  7.772   1.00 42.58 ? 25  SN7 A C25   1 
HETATM 512 C C26   . SN7 C 2 .  ? -0.094  -2.651  7.314   1.00 40.46 ? 25  SN7 A C26   1 
HETATM 513 N N27   . SN7 C 2 .  ? -3.670  -3.298  7.354   1.00 45.67 ? 25  SN7 A N27   1 
HETATM 514 C C28   . SN7 C 2 .  ? -4.844  -3.317  6.695   1.00 46.06 ? 25  SN7 A C28   1 
HETATM 515 C C29   . SN7 C 2 .  ? -5.977  -3.566  7.447   1.00 47.85 ? 25  SN7 A C29   1 
HETATM 516 C C30   . SN7 C 2 .  ? -7.240  -3.606  6.822   1.00 51.00 ? 25  SN7 A C30   1 
HETATM 517 N N31   . SN7 C 2 .  ? -7.374  -3.407  5.459   1.00 51.67 ? 25  SN7 A N31   1 
HETATM 518 C C32   . SN7 C 2 .  ? -6.250  -3.166  4.707   1.00 51.08 ? 25  SN7 A C32   1 
HETATM 519 C C33   . SN7 C 2 .  ? -5.020  -3.123  5.319   1.00 49.07 ? 25  SN7 A C33   1 
HETATM 520 C C34   . SN7 C 2 .  ? -8.669  -3.438  4.753   1.00 53.47 ? 25  SN7 A C34   1 
HETATM 521 C C35   . SN7 C 2 .  ? 8.459   1.752   -1.626  1.00 41.51 ? 25  SN7 A C35   1 
HETATM 522 N N36   . SN7 C 2 .  ? 12.013  -1.239  3.309   1.00 45.06 ? 25  SN7 A N36   1 
HETATM 523 N N37   . SN7 C 2 .  ? 5.321   -2.675  7.162   1.00 24.07 ? 25  SN7 A N37   1 
HETATM 524 O O     . HOH D 3 .  ? 8.734   7.137   -10.482 1.00 48.56 ? 26  HOH A O     1 
HETATM 525 O O     . HOH D 3 .  ? 4.011   -4.706  9.545   1.00 46.12 ? 27  HOH A O     1 
HETATM 526 O O     . HOH D 3 .  ? 0.416   -1.489  -4.792  1.00 26.60 ? 28  HOH A O     1 
HETATM 527 O O     . HOH D 3 .  ? 8.452   12.138  3.674   1.00 26.32 ? 31  HOH A O     1 
HETATM 528 O O     . HOH D 3 .  ? 11.459  17.834  3.128   1.00 55.70 ? 32  HOH A O     1 
HETATM 529 O O     . HOH D 3 .  ? 5.232   16.975  -1.661  1.00 37.80 ? 33  HOH A O     1 
HETATM 530 O O     . HOH D 3 .  ? 1.721   0.580   -13.140 1.00 30.71 ? 34  HOH A O     1 
HETATM 531 O O     . HOH D 3 .  ? 8.482   -8.306  5.648   1.00 33.94 ? 39  HOH A O     1 
HETATM 532 O O     . HOH D 3 .  ? 7.021   17.858  6.258   1.00 31.03 ? 40  HOH A O     1 
HETATM 533 O O     . HOH D 3 .  ? 7.661   14.967  6.960   1.00 22.11 ? 41  HOH A O     1 
HETATM 534 O O     . HOH D 3 .  ? 4.934   -1.276  -9.845  1.00 45.83 ? 42  HOH A O     1 
HETATM 535 O O     . HOH D 3 .  ? 1.218   10.580  1.730   1.00 41.22 ? 43  HOH A O     1 
HETATM 536 O O     . HOH D 3 .  ? 11.324  -3.094  -2.107  1.00 33.80 ? 44  HOH A O     1 
HETATM 537 O O     . HOH D 3 .  ? -0.239  7.941   -0.051  1.00 33.90 ? 49  HOH A O     1 
HETATM 538 O O     . HOH D 3 .  ? -0.704  3.905   -6.321  1.00 51.12 ? 50  HOH A O     1 
HETATM 539 O O     . HOH D 3 .  ? 3.867   13.702  3.152   1.00 25.00 ? 56  HOH A O     1 
HETATM 540 O O     . HOH D 3 .  ? 12.290  14.008  7.444   1.00 33.59 ? 57  HOH A O     1 
HETATM 541 O O     . HOH D 3 .  ? 4.318   1.838   -13.289 1.00 21.45 ? 58  HOH A O     1 
HETATM 542 O O     . HOH D 3 .  ? 7.807   22.278  2.892   1.00 30.57 ? 63  HOH A O     1 
HETATM 543 O O     . HOH D 3 .  ? 9.559   13.928  9.581   1.00 33.09 ? 64  HOH A O     1 
HETATM 544 O O     . HOH D 3 .  ? 6.184   7.182   -5.111  1.00 36.87 ? 68  HOH A O     1 
HETATM 545 O O     . HOH D 3 .  ? -13.584 -15.597 6.170   1.00 38.31 ? 69  HOH A O     1 
HETATM 546 O O     . HOH D 3 .  ? -18.721 -2.643  1.185   1.00 34.14 ? 70  HOH A O     1 
HETATM 547 O O     . HOH D 3 .  ? -1.834  -2.504  -5.402  1.00 52.09 ? 72  HOH A O     1 
HETATM 548 O O     . HOH D 3 .  ? -15.913 -9.979  8.003   1.00 32.18 ? 73  HOH A O     1 
HETATM 549 O O     . HOH D 3 .  ? 10.141  1.424   -7.691  1.00 52.36 ? 74  HOH A O     1 
HETATM 550 O O     . HOH D 3 .  ? -20.574 -1.475  -0.452  1.00 40.46 ? 75  HOH A O     1 
HETATM 551 O O     . HOH D 3 .  ? 7.143   0.657   -14.980 1.00 33.32 ? 76  HOH A O     1 
HETATM 552 O O     . HOH D 3 .  ? 7.865   4.996   -5.277  1.00 35.71 ? 77  HOH A O     1 
HETATM 553 O O     . HOH D 3 .  ? -0.667  0.837   -7.767  1.00 43.90 ? 78  HOH A O     1 
HETATM 554 O O     . HOH D 3 .  ? -1.585  -5.023  -7.351  1.00 51.79 ? 79  HOH A O     1 
HETATM 555 O O     . HOH D 3 .  ? -3.396  -12.091 5.170   1.00 36.55 ? 81  HOH A O     1 
HETATM 556 O O     . HOH D 3 .  ? 1.611   15.037  2.166   1.00 33.37 ? 82  HOH A O     1 
HETATM 557 O O     . HOH D 3 .  ? 3.344   3.613   -15.246 1.00 43.99 ? 83  HOH A O     1 
HETATM 558 O O     . HOH D 3 .  ? 7.330   6.313   -8.337  1.00 47.48 ? 86  HOH A O     1 
HETATM 559 O O     . HOH D 3 .  ? 7.580   -1.652  -13.050 1.00 53.19 ? 88  HOH A O     1 
HETATM 560 O O     . HOH D 3 .  ? 8.358   18.442  2.548   1.00 63.54 ? 89  HOH A O     1 
HETATM 561 O O     . HOH D 3 .  ? -0.636  12.516  -0.288  1.00 43.59 ? 91  HOH A O     1 
HETATM 562 O O     . HOH D 3 .  ? 10.568  10.984  7.606   1.00 53.30 ? 93  HOH A O     1 
HETATM 563 O O     . HOH D 3 .  ? 11.027  20.067  4.726   1.00 59.74 ? 97  HOH A O     1 
HETATM 564 O O     . HOH D 3 .  ? 4.271   11.804  5.048   1.00 16.09 ? 99  HOH A O     1 
HETATM 565 O O     . HOH D 3 .  ? 6.650   11.194  5.319   1.00 34.58 ? 100 HOH A O     1 
HETATM 566 O O     . HOH E 3 .  ? 16.992  11.744  -3.198  1.00 25.64 ? 29  HOH B O     1 
HETATM 567 O O     . HOH E 3 .  ? 15.035  12.409  -0.452  1.00 23.85 ? 30  HOH B O     1 
HETATM 568 O O     . HOH E 3 .  ? -11.728 3.916   -0.734  1.00 25.47 ? 35  HOH B O     1 
HETATM 569 O O     . HOH E 3 .  ? 9.950   3.683   -3.870  1.00 27.87 ? 36  HOH B O     1 
HETATM 570 O O     . HOH E 3 .  ? 9.390   -1.100  8.145   1.00 39.85 ? 37  HOH B O     1 
HETATM 571 O O     . HOH E 3 .  ? -12.471 0.191   -7.232  1.00 40.61 ? 38  HOH B O     1 
HETATM 572 O O     . HOH E 3 .  ? 11.284  2.748   -1.877  1.00 32.32 ? 45  HOH B O     1 
HETATM 573 O O     . HOH E 3 .  ? 11.036  1.563   8.271   1.00 36.07 ? 46  HOH B O     1 
HETATM 574 O O     . HOH E 3 .  ? 16.291  12.664  -5.732  1.00 56.96 ? 47  HOH B O     1 
HETATM 575 O O     . HOH E 3 .  ? 10.501  5.982   -2.669  1.00 33.05 ? 48  HOH B O     1 
HETATM 576 O O     . HOH E 3 .  ? 12.647  10.868  3.202   1.00 46.41 ? 51  HOH B O     1 
HETATM 577 O O     . HOH E 3 .  ? -12.528 6.124   1.344   1.00 50.30 ? 52  HOH B O     1 
HETATM 578 O O     . HOH E 3 .  ? -7.428  4.476   0.914   1.00 33.87 ? 53  HOH B O     1 
HETATM 579 O O     . HOH E 3 .  ? 13.441  13.098  1.849   1.00 52.51 ? 54  HOH B O     1 
HETATM 580 O O     . HOH E 3 .  ? -14.516 1.673   0.517   1.00 56.80 ? 55  HOH B O     1 
HETATM 581 O O     . HOH E 3 .  ? -4.585  -9.064  -8.528  1.00 28.68 ? 59  HOH B O     1 
HETATM 582 O O     . HOH E 3 .  ? -13.147 0.457   2.516   1.00 48.58 ? 60  HOH B O     1 
HETATM 583 O O     . HOH E 3 .  ? 18.974  9.752   -3.243  1.00 30.88 ? 61  HOH B O     1 
HETATM 584 O O     . HOH E 3 .  ? -9.068  3.079   -8.978  1.00 44.37 ? 62  HOH B O     1 
HETATM 585 O O     . HOH E 3 .  ? -14.196 -2.053  3.066   1.00 33.08 ? 65  HOH B O     1 
HETATM 586 O O     . HOH E 3 .  ? -2.688  4.774   5.066   1.00 54.81 ? 66  HOH B O     1 
HETATM 587 O O     . HOH E 3 .  ? 12.779  6.343   -6.716  1.00 27.74 ? 67  HOH B O     1 
HETATM 588 O O     . HOH E 3 .  ? 13.907  4.197   -5.755  1.00 55.52 ? 71  HOH B O     1 
HETATM 589 O O     . HOH E 3 .  ? -5.013  3.779   4.744   1.00 29.95 ? 80  HOH B O     1 
HETATM 590 O O     . HOH E 3 .  ? -7.795  -1.266  -8.130  1.00 38.69 ? 84  HOH B O     1 
HETATM 591 O O     . HOH E 3 .  ? 13.989  11.430  5.721   1.00 46.19 ? 85  HOH B O     1 
HETATM 592 O O     . HOH E 3 .  ? 13.881  1.522   -0.626  1.00 51.35 ? 87  HOH B O     1 
HETATM 593 O O     . HOH E 3 .  ? -3.648  -11.704 -5.765  1.00 40.30 ? 90  HOH B O     1 
HETATM 594 O O     . HOH E 3 .  ? -2.888  -18.652 -0.433  1.00 56.46 ? 92  HOH B O     1 
HETATM 595 O O     . HOH E 3 .  ? -9.818  0.597   -10.184 1.00 30.64 ? 94  HOH B O     1 
HETATM 596 O O     . HOH E 3 .  ? -4.200  -12.131 -11.005 1.00 48.16 ? 95  HOH B O     1 
HETATM 597 O O     . HOH E 3 .  ? 14.604  1.098   2.304   1.00 44.29 ? 96  HOH B O     1 
HETATM 598 O O     . HOH E 3 .  ? -9.711  -16.350 -3.022  1.00 56.58 ? 98  HOH B O     1 
HETATM 599 O O     . HOH E 3 .  ? 16.731  3.781   2.930   1.00 48.59 ? 101 HOH B O     1 
# 
